data_5ZBI
#
_entry.id   5ZBI
#
_cell.length_a   184.470
_cell.length_b   62.080
_cell.length_c   82.910
_cell.angle_alpha   90.00
_cell.angle_beta   106.81
_cell.angle_gamma   90.00
#
_symmetry.space_group_name_H-M   'C 1 2 1'
#
loop_
_entity.id
_entity.type
_entity.pdbx_description
1 polymer 'Peptide asparaginyl ligase'
2 non-polymer 'SODIUM ION'
3 water water
#
_entity_poly.entity_id   1
_entity_poly.type   'polypeptide(L)'
_entity_poly.pdbx_seq_one_letter_code
;MAHHHHHHMQIFVKTLTGKTITLEVEPSDTIENVKAKIQDKEGIPPDQQRLIFAGKQLEDGRTLSDYNIQKESTLHLVLR
LRGGRDITGDGFLRLPSHGNGNSGDVDSKAGTKWAVLIAGSKGYQNYRHQADVCHAYQILRKGGVKDENIIVFMYDDIAY
DIRNPYPGTIINSPDKKDVYKGVPKDYTGEDVNVQNFLAVILGNKTALTGGSGKVLDTRPNDHIFIYYTDHGYPGVLGMP
TEPYLYANDLIDTLKKKHALGTYEGLVFYVEACESASIFEGLLPDGLNIYVSTAAKAGEGSWVAYCPSQEPPVPAEYGTC
VGDLYSVTWMEDSDVYNLRTQTLHQQYELVKNKIAYASTVSQFGDFPISKDSLFEYMGTDPANEKRQYEDEEKSSSPHVG
AVHQREADLHHFWDKYQKASEGSRNKVDARKQLVEVMLHRMHVDDSIESIAKLLFGSGAKASEMMNTIRPPGQPLVSDWD
CLKTMVRTFETHCGSLSEYGMKYTRFLANICNSGIQKEKMGEASAQVCLNFP
;
_entity_poly.pdbx_strand_id   A,B
#
# COMPACT_ATOMS: atom_id res chain seq x y z
N ALA A 110 1.21 -2.78 -26.01
CA ALA A 110 0.19 -3.60 -25.35
C ALA A 110 0.39 -3.59 -23.83
N GLY A 111 -0.69 -3.84 -23.10
CA GLY A 111 -0.68 -3.86 -21.65
C GLY A 111 -0.83 -5.23 -21.02
N THR A 112 -0.81 -5.25 -19.70
CA THR A 112 -0.94 -6.46 -18.90
C THR A 112 -2.37 -6.55 -18.37
N LYS A 113 -2.91 -7.78 -18.30
CA LYS A 113 -4.23 -8.07 -17.76
C LYS A 113 -4.05 -8.42 -16.28
N TRP A 114 -4.64 -7.59 -15.42
CA TRP A 114 -4.63 -7.73 -13.97
C TRP A 114 -6.03 -8.04 -13.47
N ALA A 115 -6.08 -8.65 -12.30
CA ALA A 115 -7.34 -8.96 -11.69
C ALA A 115 -7.26 -8.89 -10.18
N VAL A 116 -8.39 -8.53 -9.56
CA VAL A 116 -8.55 -8.53 -8.10
C VAL A 116 -9.81 -9.34 -7.85
N LEU A 117 -9.68 -10.42 -7.11
CA LEU A 117 -10.80 -11.31 -6.81
C LEU A 117 -11.00 -11.29 -5.31
N ILE A 118 -12.22 -10.94 -4.87
CA ILE A 118 -12.49 -10.83 -3.44
C ILE A 118 -13.83 -11.46 -3.04
N ALA A 119 -13.78 -12.32 -2.02
CA ALA A 119 -14.94 -12.90 -1.36
C ALA A 119 -15.04 -12.07 -0.08
N GLY A 120 -16.15 -11.39 0.11
CA GLY A 120 -16.29 -10.51 1.25
C GLY A 120 -16.86 -11.16 2.47
N SER A 121 -16.82 -12.49 2.57
CA SER A 121 -17.41 -13.18 3.70
C SER A 121 -16.51 -14.28 4.22
N LYS A 122 -16.91 -14.89 5.34
CA LYS A 122 -16.23 -16.02 5.96
C LYS A 122 -17.31 -16.95 6.54
N GLY A 123 -16.88 -18.11 6.98
CA GLY A 123 -17.76 -19.10 7.59
C GLY A 123 -18.16 -20.11 6.54
N TYR A 124 -18.23 -21.38 6.95
CA TYR A 124 -18.62 -22.48 6.07
C TYR A 124 -20.00 -22.27 5.44
N GLN A 125 -20.93 -21.61 6.13
CA GLN A 125 -22.25 -21.31 5.57
C GLN A 125 -22.13 -20.41 4.33
N ASN A 126 -20.98 -19.68 4.17
CA ASN A 126 -20.65 -18.78 3.06
C ASN A 126 -19.65 -19.36 2.08
N TYR A 127 -19.51 -20.69 2.08
CA TYR A 127 -18.65 -21.49 1.21
C TYR A 127 -18.67 -20.94 -0.25
N ARG A 128 -19.87 -20.66 -0.74
CA ARG A 128 -20.14 -20.19 -2.11
C ARG A 128 -19.33 -18.99 -2.58
N HIS A 129 -19.14 -17.97 -1.73
CA HIS A 129 -18.41 -16.74 -2.15
C HIS A 129 -16.95 -17.05 -2.41
N GLN A 130 -16.33 -17.88 -1.57
CA GLN A 130 -14.91 -18.29 -1.77
C GLN A 130 -14.77 -19.26 -2.97
N ALA A 131 -15.76 -20.17 -3.15
CA ALA A 131 -15.88 -21.05 -4.31
C ALA A 131 -15.97 -20.22 -5.58
N ASP A 132 -16.80 -19.15 -5.58
CA ASP A 132 -16.94 -18.25 -6.73
C ASP A 132 -15.59 -17.64 -7.10
N VAL A 133 -14.87 -17.07 -6.11
CA VAL A 133 -13.52 -16.52 -6.28
C VAL A 133 -12.56 -17.54 -6.86
N CYS A 134 -12.50 -18.77 -6.30
CA CYS A 134 -11.57 -19.81 -6.76
C CYS A 134 -11.85 -20.19 -8.22
N HIS A 135 -13.14 -20.25 -8.59
CA HIS A 135 -13.56 -20.52 -9.96
C HIS A 135 -13.09 -19.38 -10.89
N ALA A 136 -13.31 -18.10 -10.48
CA ALA A 136 -12.88 -16.92 -11.25
C ALA A 136 -11.37 -16.99 -11.49
N TYR A 137 -10.60 -17.41 -10.48
CA TYR A 137 -9.16 -17.57 -10.65
C TYR A 137 -8.85 -18.63 -11.71
N GLN A 138 -9.52 -19.79 -11.69
CA GLN A 138 -9.26 -20.87 -12.65
C GLN A 138 -9.46 -20.41 -14.07
N ILE A 139 -10.49 -19.57 -14.30
CA ILE A 139 -10.80 -19.00 -15.61
C ILE A 139 -9.68 -18.09 -16.06
N LEU A 140 -9.25 -17.19 -15.18
CA LEU A 140 -8.17 -16.24 -15.49
C LEU A 140 -6.87 -16.97 -15.79
N ARG A 141 -6.53 -17.99 -14.96
CA ARG A 141 -5.33 -18.82 -15.11
C ARG A 141 -5.33 -19.54 -16.50
N LYS A 142 -6.44 -20.20 -16.84
CA LYS A 142 -6.61 -20.90 -18.11
C LYS A 142 -6.61 -19.95 -19.30
N GLY A 143 -6.98 -18.70 -19.04
CA GLY A 143 -7.01 -17.65 -20.04
C GLY A 143 -5.64 -17.04 -20.33
N GLY A 144 -4.65 -17.39 -19.52
CA GLY A 144 -3.27 -16.91 -19.62
C GLY A 144 -2.93 -15.70 -18.78
N VAL A 145 -3.86 -15.28 -17.88
CA VAL A 145 -3.61 -14.15 -16.96
C VAL A 145 -2.67 -14.73 -15.88
N LYS A 146 -1.54 -14.05 -15.62
CA LYS A 146 -0.51 -14.53 -14.72
C LYS A 146 -0.85 -14.35 -13.25
N ASP A 147 -0.36 -15.25 -12.39
CA ASP A 147 -0.55 -15.20 -10.94
C ASP A 147 -0.06 -13.89 -10.32
N GLU A 148 1.07 -13.35 -10.80
CA GLU A 148 1.65 -12.11 -10.31
C GLU A 148 0.70 -10.92 -10.52
N ASN A 149 -0.26 -11.06 -11.44
CA ASN A 149 -1.26 -10.03 -11.77
C ASN A 149 -2.68 -10.38 -11.26
N ILE A 150 -2.83 -11.49 -10.54
CA ILE A 150 -4.14 -11.89 -9.99
C ILE A 150 -4.05 -11.78 -8.45
N ILE A 151 -4.67 -10.75 -7.88
CA ILE A 151 -4.68 -10.56 -6.42
C ILE A 151 -5.90 -11.28 -5.85
N VAL A 152 -5.69 -12.23 -4.95
CA VAL A 152 -6.81 -12.96 -4.37
C VAL A 152 -7.02 -12.59 -2.89
N PHE A 153 -8.26 -12.24 -2.55
CA PHE A 153 -8.71 -12.01 -1.17
C PHE A 153 -9.74 -13.06 -0.89
N MET A 154 -9.41 -13.98 0.01
CA MET A 154 -10.39 -14.99 0.44
C MET A 154 -10.03 -15.29 1.89
N TYR A 155 -11.01 -15.37 2.76
CA TYR A 155 -10.71 -15.66 4.17
C TYR A 155 -9.93 -16.98 4.34
N ASP A 156 -10.17 -17.95 3.44
CA ASP A 156 -9.49 -19.24 3.32
C ASP A 156 -9.80 -20.19 4.50
N ASP A 157 -11.03 -20.13 4.99
CA ASP A 157 -11.48 -20.97 6.11
C ASP A 157 -12.43 -22.09 5.58
N ILE A 158 -12.47 -22.29 4.24
CA ILE A 158 -13.36 -23.26 3.61
C ILE A 158 -12.70 -24.62 3.32
N ALA A 159 -11.54 -24.61 2.64
CA ALA A 159 -10.87 -25.85 2.21
C ALA A 159 -10.62 -26.84 3.32
N TYR A 160 -10.25 -26.34 4.51
CA TYR A 160 -9.98 -27.22 5.64
C TYR A 160 -10.93 -27.03 6.79
N ASP A 161 -12.13 -26.50 6.53
CA ASP A 161 -13.14 -26.38 7.57
C ASP A 161 -13.55 -27.82 7.95
N ILE A 162 -13.81 -28.05 9.23
CA ILE A 162 -14.19 -29.37 9.75
C ILE A 162 -15.46 -29.87 9.08
N ARG A 163 -16.32 -28.95 8.59
CA ARG A 163 -17.56 -29.33 7.95
C ARG A 163 -17.37 -29.68 6.48
N ASN A 164 -16.20 -29.39 5.91
CA ASN A 164 -15.94 -29.71 4.51
C ASN A 164 -15.85 -31.25 4.35
N PRO A 165 -16.74 -31.89 3.53
CA PRO A 165 -16.64 -33.36 3.37
C PRO A 165 -15.36 -33.79 2.66
N TYR A 166 -14.78 -32.90 1.81
CA TYR A 166 -13.59 -33.16 1.02
C TYR A 166 -12.50 -32.10 1.28
N PRO A 167 -11.83 -32.19 2.44
CA PRO A 167 -10.78 -31.21 2.77
C PRO A 167 -9.73 -31.02 1.70
N GLY A 168 -9.31 -29.77 1.50
CA GLY A 168 -8.34 -29.43 0.49
C GLY A 168 -8.97 -29.17 -0.86
N THR A 169 -10.31 -29.24 -0.93
CA THR A 169 -11.03 -29.00 -2.18
C THR A 169 -12.13 -27.95 -1.93
N ILE A 170 -12.49 -27.25 -2.98
CA ILE A 170 -13.61 -26.30 -3.01
C ILE A 170 -14.24 -26.50 -4.37
N ILE A 171 -15.58 -26.67 -4.40
CA ILE A 171 -16.31 -26.82 -5.68
C ILE A 171 -17.20 -25.61 -5.91
N ASN A 172 -17.59 -25.37 -7.16
CA ASN A 172 -18.47 -24.25 -7.49
C ASN A 172 -19.59 -24.69 -8.46
N SER A 173 -19.88 -26.00 -8.49
CA SER A 173 -20.90 -26.61 -9.37
C SER A 173 -21.21 -28.03 -8.95
N PRO A 174 -22.38 -28.59 -9.37
CA PRO A 174 -22.71 -29.99 -9.03
C PRO A 174 -21.75 -31.03 -9.66
N ASP A 175 -20.94 -30.62 -10.67
CA ASP A 175 -19.92 -31.43 -11.35
C ASP A 175 -18.77 -31.85 -10.39
N LYS A 176 -18.72 -31.23 -9.18
CA LYS A 176 -17.74 -31.45 -8.11
C LYS A 176 -16.29 -31.20 -8.54
N LYS A 177 -16.09 -30.37 -9.56
CA LYS A 177 -14.75 -30.04 -10.06
C LYS A 177 -14.08 -29.10 -9.05
N ASP A 178 -12.90 -29.47 -8.56
CA ASP A 178 -12.17 -28.63 -7.62
C ASP A 178 -11.75 -27.35 -8.31
N VAL A 179 -11.86 -26.23 -7.60
CA VAL A 179 -11.46 -24.90 -8.09
C VAL A 179 -10.42 -24.28 -7.13
N TYR A 180 -10.17 -24.94 -6.00
CA TYR A 180 -9.24 -24.46 -4.99
C TYR A 180 -7.77 -24.53 -5.36
N LYS A 181 -7.35 -25.63 -6.01
CA LYS A 181 -5.94 -25.90 -6.37
C LYS A 181 -5.24 -24.76 -7.10
N GLY A 182 -4.14 -24.30 -6.52
CA GLY A 182 -3.32 -23.26 -7.11
C GLY A 182 -3.82 -21.84 -6.88
N VAL A 183 -4.96 -21.66 -6.17
CA VAL A 183 -5.49 -20.30 -5.94
C VAL A 183 -4.53 -19.51 -5.05
N PRO A 184 -3.97 -18.36 -5.54
CA PRO A 184 -3.04 -17.59 -4.69
C PRO A 184 -3.71 -17.14 -3.38
N LYS A 185 -2.91 -17.03 -2.33
CA LYS A 185 -3.37 -16.64 -1.01
C LYS A 185 -2.80 -15.26 -0.68
N ASP A 186 -3.12 -14.24 -1.48
CA ASP A 186 -2.56 -12.89 -1.26
C ASP A 186 -3.02 -12.28 0.05
N TYR A 187 -4.32 -12.32 0.31
CA TYR A 187 -4.90 -11.74 1.54
C TYR A 187 -5.92 -12.71 2.06
N THR A 188 -5.59 -13.36 3.18
CA THR A 188 -6.46 -14.36 3.80
C THR A 188 -6.67 -13.98 5.24
N GLY A 189 -7.60 -14.66 5.90
CA GLY A 189 -7.90 -14.40 7.30
C GLY A 189 -8.21 -12.92 7.52
N GLU A 190 -7.69 -12.35 8.60
CA GLU A 190 -7.92 -10.95 8.97
C GLU A 190 -7.33 -9.93 7.97
N ASP A 191 -6.53 -10.39 6.98
CA ASP A 191 -5.99 -9.51 5.94
C ASP A 191 -7.02 -9.20 4.86
N VAL A 192 -8.18 -9.86 4.89
CA VAL A 192 -9.32 -9.55 3.98
C VAL A 192 -10.05 -8.43 4.70
N ASN A 193 -9.64 -7.20 4.38
CA ASN A 193 -10.20 -6.02 5.06
C ASN A 193 -10.22 -4.88 4.08
N VAL A 194 -10.98 -3.81 4.41
CA VAL A 194 -11.16 -2.63 3.56
C VAL A 194 -9.83 -1.99 3.19
N GLN A 195 -8.99 -1.75 4.20
CA GLN A 195 -7.67 -1.14 4.03
C GLN A 195 -6.86 -1.82 2.94
N ASN A 196 -6.75 -3.16 3.00
CA ASN A 196 -5.99 -3.92 2.03
C ASN A 196 -6.64 -3.92 0.67
N PHE A 197 -7.96 -4.07 0.62
CA PHE A 197 -8.69 -4.04 -0.65
C PHE A 197 -8.47 -2.70 -1.40
N LEU A 198 -8.64 -1.57 -0.72
CA LEU A 198 -8.43 -0.24 -1.31
C LEU A 198 -6.96 0.05 -1.69
N ALA A 199 -5.99 -0.33 -0.82
CA ALA A 199 -4.58 -0.15 -1.10
C ALA A 199 -4.19 -1.01 -2.29
N VAL A 200 -4.74 -2.26 -2.37
CA VAL A 200 -4.48 -3.15 -3.51
C VAL A 200 -4.93 -2.45 -4.79
N ILE A 201 -6.15 -1.91 -4.82
CA ILE A 201 -6.65 -1.20 -6.02
C ILE A 201 -5.69 -0.06 -6.43
N LEU A 202 -5.28 0.75 -5.46
CA LEU A 202 -4.41 1.92 -5.68
C LEU A 202 -2.94 1.54 -6.00
N GLY A 203 -2.56 0.30 -5.69
CA GLY A 203 -1.22 -0.19 -5.95
C GLY A 203 -0.21 0.26 -4.92
N ASN A 204 -0.71 0.52 -3.70
CA ASN A 204 0.11 0.98 -2.58
C ASN A 204 0.49 -0.15 -1.63
N LYS A 205 1.72 -0.70 -1.79
CA LYS A 205 2.26 -1.79 -0.97
C LYS A 205 2.55 -1.35 0.45
N THR A 206 2.80 -0.04 0.64
CA THR A 206 3.13 0.52 1.95
C THR A 206 1.92 0.75 2.86
N ALA A 207 0.70 0.72 2.28
CA ALA A 207 -0.55 0.95 3.01
C ALA A 207 -1.25 -0.35 3.48
N LEU A 208 -0.60 -1.51 3.31
CA LEU A 208 -1.18 -2.82 3.69
C LEU A 208 -0.97 -3.19 5.15
N THR A 209 -1.94 -3.91 5.76
CA THR A 209 -1.88 -4.38 7.15
C THR A 209 -1.19 -5.73 7.24
N GLY A 210 -1.00 -6.37 6.08
CA GLY A 210 -0.43 -7.71 5.97
C GLY A 210 -0.67 -8.26 4.58
N GLY A 211 -0.48 -9.56 4.40
CA GLY A 211 -0.66 -10.22 3.12
C GLY A 211 0.59 -10.28 2.27
N SER A 212 0.45 -10.81 1.04
CA SER A 212 1.57 -11.02 0.13
C SER A 212 2.28 -9.73 -0.34
N GLY A 213 1.53 -8.62 -0.40
CA GLY A 213 2.06 -7.35 -0.90
C GLY A 213 1.77 -7.19 -2.39
N LYS A 214 1.12 -8.20 -3.01
CA LYS A 214 0.72 -8.14 -4.43
C LYS A 214 -0.40 -7.08 -4.51
N VAL A 215 -0.22 -6.10 -5.39
CA VAL A 215 -1.15 -4.97 -5.55
C VAL A 215 -1.36 -4.68 -7.02
N LEU A 216 -2.26 -3.76 -7.32
CA LEU A 216 -2.47 -3.32 -8.69
C LEU A 216 -1.45 -2.21 -9.00
N ASP A 217 -0.18 -2.60 -9.12
CA ASP A 217 0.96 -1.73 -9.43
C ASP A 217 0.96 -1.70 -10.96
N THR A 218 -0.12 -1.15 -11.50
CA THR A 218 -0.46 -1.14 -12.91
C THR A 218 0.10 0.07 -13.65
N ARG A 219 0.18 -0.06 -14.98
CA ARG A 219 0.68 0.93 -15.93
C ARG A 219 -0.49 1.48 -16.77
N PRO A 220 -0.33 2.64 -17.47
CA PRO A 220 -1.48 3.22 -18.19
C PRO A 220 -2.16 2.36 -19.27
N ASN A 221 -1.48 1.40 -19.88
CA ASN A 221 -2.11 0.58 -20.93
C ASN A 221 -2.68 -0.74 -20.37
N ASP A 222 -2.66 -0.91 -19.04
CA ASP A 222 -3.14 -2.13 -18.42
C ASP A 222 -4.67 -2.24 -18.34
N HIS A 223 -5.14 -3.49 -18.27
CA HIS A 223 -6.56 -3.81 -18.08
C HIS A 223 -6.73 -4.39 -16.70
N ILE A 224 -7.80 -3.98 -16.02
CA ILE A 224 -8.12 -4.43 -14.66
C ILE A 224 -9.48 -5.10 -14.62
N PHE A 225 -9.56 -6.26 -13.99
CA PHE A 225 -10.79 -6.99 -13.80
C PHE A 225 -10.96 -7.20 -12.30
N ILE A 226 -11.97 -6.56 -11.74
CA ILE A 226 -12.25 -6.68 -10.31
C ILE A 226 -13.51 -7.48 -10.16
N TYR A 227 -13.45 -8.54 -9.37
CA TYR A 227 -14.61 -9.35 -9.09
C TYR A 227 -14.83 -9.49 -7.59
N TYR A 228 -15.95 -8.93 -7.13
CA TYR A 228 -16.36 -9.00 -5.74
C TYR A 228 -17.55 -9.99 -5.60
N THR A 229 -17.49 -10.89 -4.60
CA THR A 229 -18.64 -11.76 -4.33
C THR A 229 -18.88 -11.93 -2.83
N ASP A 230 -20.12 -11.69 -2.38
CA ASP A 230 -20.51 -11.87 -0.98
C ASP A 230 -21.92 -11.36 -0.73
N HIS A 231 -22.08 -10.83 0.46
CA HIS A 231 -23.27 -10.19 0.96
C HIS A 231 -23.12 -8.71 0.61
N GLY A 232 -24.21 -8.15 0.21
CA GLY A 232 -24.26 -6.75 -0.13
C GLY A 232 -25.43 -6.19 0.60
N TYR A 233 -25.36 -4.89 0.81
CA TYR A 233 -26.34 -4.14 1.53
C TYR A 233 -26.49 -2.80 0.85
N PRO A 234 -27.55 -2.03 1.13
CA PRO A 234 -27.67 -0.70 0.51
C PRO A 234 -26.43 0.15 0.85
N GLY A 235 -25.68 0.52 -0.17
CA GLY A 235 -24.47 1.33 -0.08
C GLY A 235 -23.29 0.72 0.64
N VAL A 236 -23.37 -0.59 0.98
CA VAL A 236 -22.31 -1.27 1.73
C VAL A 236 -22.04 -2.68 1.22
N LEU A 237 -20.75 -3.02 1.03
CA LEU A 237 -20.37 -4.38 0.68
C LEU A 237 -19.78 -5.03 1.93
N GLY A 238 -20.13 -6.29 2.15
CA GLY A 238 -19.65 -7.03 3.32
C GLY A 238 -18.17 -7.32 3.29
N MET A 239 -17.56 -7.43 4.46
CA MET A 239 -16.16 -7.86 4.60
C MET A 239 -16.25 -9.02 5.60
N PRO A 240 -15.24 -9.92 5.69
CA PRO A 240 -15.34 -11.02 6.67
C PRO A 240 -15.46 -10.53 8.10
N THR A 241 -14.98 -9.32 8.44
CA THR A 241 -15.25 -8.71 9.75
C THR A 241 -15.38 -7.21 9.49
N GLU A 242 -15.93 -6.50 10.45
CA GLU A 242 -16.10 -5.05 10.43
C GLU A 242 -14.70 -4.36 10.45
N PRO A 243 -14.55 -3.19 9.83
CA PRO A 243 -15.61 -2.42 9.17
C PRO A 243 -15.88 -2.94 7.77
N TYR A 244 -17.11 -2.75 7.36
CA TYR A 244 -17.55 -3.17 6.04
C TYR A 244 -17.13 -2.13 5.01
N LEU A 245 -17.27 -2.44 3.71
CA LEU A 245 -16.87 -1.54 2.66
C LEU A 245 -18.03 -0.61 2.25
N TYR A 246 -17.91 0.67 2.58
CA TYR A 246 -18.91 1.69 2.24
C TYR A 246 -18.68 2.14 0.83
N ALA A 247 -19.76 2.28 0.07
CA ALA A 247 -19.76 2.65 -1.35
C ALA A 247 -18.93 3.90 -1.67
N ASN A 248 -19.03 4.98 -0.85
CA ASN A 248 -18.28 6.21 -1.11
C ASN A 248 -16.78 5.99 -1.11
N ASP A 249 -16.26 5.16 -0.16
CA ASP A 249 -14.83 4.87 -0.08
C ASP A 249 -14.35 4.10 -1.27
N LEU A 250 -15.16 3.15 -1.77
CA LEU A 250 -14.83 2.37 -2.95
C LEU A 250 -14.78 3.27 -4.20
N ILE A 251 -15.81 4.10 -4.37
CA ILE A 251 -15.92 5.02 -5.53
C ILE A 251 -14.79 6.05 -5.50
N ASP A 252 -14.50 6.62 -4.31
CA ASP A 252 -13.38 7.56 -4.13
C ASP A 252 -12.08 6.91 -4.54
N THR A 253 -11.90 5.61 -4.18
CA THR A 253 -10.72 4.82 -4.53
C THR A 253 -10.59 4.66 -6.04
N LEU A 254 -11.71 4.36 -6.72
CA LEU A 254 -11.70 4.18 -8.19
C LEU A 254 -11.44 5.54 -8.89
N LYS A 255 -11.95 6.67 -8.29
CA LYS A 255 -11.72 8.04 -8.78
C LYS A 255 -10.23 8.36 -8.64
N LYS A 256 -9.61 8.04 -7.47
CA LYS A 256 -8.18 8.22 -7.19
C LYS A 256 -7.34 7.39 -8.17
N LYS A 257 -7.73 6.10 -8.39
CA LYS A 257 -7.08 5.18 -9.33
C LYS A 257 -7.07 5.82 -10.74
N HIS A 258 -8.22 6.39 -11.18
CA HIS A 258 -8.37 7.05 -12.46
C HIS A 258 -7.45 8.26 -12.56
N ALA A 259 -7.43 9.11 -11.50
CA ALA A 259 -6.59 10.29 -11.37
C ALA A 259 -5.09 9.95 -11.58
N LEU A 260 -4.66 8.77 -11.11
CA LEU A 260 -3.28 8.26 -11.26
C LEU A 260 -2.99 7.86 -12.71
N GLY A 261 -4.05 7.58 -13.49
CA GLY A 261 -3.97 7.20 -14.89
C GLY A 261 -3.31 5.87 -15.15
N THR A 262 -3.34 4.96 -14.17
CA THR A 262 -2.64 3.68 -14.22
C THR A 262 -3.44 2.50 -14.78
N TYR A 263 -4.27 2.73 -15.81
CA TYR A 263 -5.03 1.69 -16.50
C TYR A 263 -5.72 2.31 -17.67
N GLU A 264 -6.07 1.46 -18.64
CA GLU A 264 -6.76 1.83 -19.87
C GLU A 264 -8.27 1.49 -19.70
N GLY A 265 -8.53 0.32 -19.14
CA GLY A 265 -9.88 -0.19 -18.93
C GLY A 265 -9.96 -0.97 -17.64
N LEU A 266 -11.03 -0.72 -16.88
CA LEU A 266 -11.29 -1.40 -15.62
C LEU A 266 -12.74 -1.93 -15.65
N VAL A 267 -12.89 -3.23 -15.39
CA VAL A 267 -14.16 -3.95 -15.38
C VAL A 267 -14.39 -4.42 -13.96
N PHE A 268 -15.58 -4.15 -13.41
CA PHE A 268 -15.90 -4.51 -12.04
C PHE A 268 -17.21 -5.33 -12.01
N TYR A 269 -17.12 -6.62 -11.61
CA TYR A 269 -18.30 -7.49 -11.49
C TYR A 269 -18.61 -7.59 -10.01
N VAL A 270 -19.87 -7.33 -9.64
CA VAL A 270 -20.31 -7.34 -8.25
C VAL A 270 -21.46 -8.30 -8.00
N GLU A 271 -21.12 -9.39 -7.28
CA GLU A 271 -22.07 -10.38 -6.83
C GLU A 271 -22.46 -10.03 -5.38
N ALA A 272 -23.65 -9.47 -5.20
CA ALA A 272 -24.17 -9.10 -3.89
C ALA A 272 -25.57 -8.55 -4.04
N CYS A 273 -26.37 -8.68 -3.00
CA CYS A 273 -27.69 -8.10 -2.90
C CYS A 273 -27.49 -6.59 -3.01
N GLU A 274 -28.48 -5.89 -3.59
CA GLU A 274 -28.51 -4.41 -3.63
C GLU A 274 -27.22 -3.78 -4.23
N SER A 275 -26.42 -4.55 -5.02
CA SER A 275 -25.11 -4.10 -5.52
C SER A 275 -25.17 -2.91 -6.46
N ALA A 276 -26.35 -2.62 -7.08
CA ALA A 276 -26.49 -1.42 -7.93
C ALA A 276 -26.27 -0.19 -7.05
N SER A 277 -26.70 -0.25 -5.76
CA SER A 277 -26.58 0.85 -4.78
C SER A 277 -25.14 1.21 -4.44
N ILE A 278 -24.17 0.40 -4.84
CA ILE A 278 -22.75 0.72 -4.60
C ILE A 278 -22.27 1.78 -5.63
N PHE A 279 -22.92 1.80 -6.80
CA PHE A 279 -22.52 2.65 -7.91
C PHE A 279 -23.54 3.72 -8.26
N GLU A 280 -24.85 3.43 -8.06
CA GLU A 280 -25.93 4.35 -8.37
C GLU A 280 -25.77 5.71 -7.69
N GLY A 281 -25.76 6.79 -8.49
CA GLY A 281 -25.60 8.15 -7.99
C GLY A 281 -24.23 8.47 -7.44
N LEU A 282 -23.24 7.56 -7.67
CA LEU A 282 -21.89 7.75 -7.16
C LEU A 282 -20.84 7.64 -8.22
N LEU A 283 -20.92 6.61 -9.07
CA LEU A 283 -19.91 6.38 -10.08
C LEU A 283 -20.05 7.33 -11.28
N PRO A 284 -19.09 8.22 -11.54
CA PRO A 284 -19.22 9.08 -12.74
C PRO A 284 -18.85 8.33 -14.01
N ASP A 285 -19.16 8.95 -15.15
CA ASP A 285 -18.72 8.50 -16.48
C ASP A 285 -17.29 9.04 -16.67
N GLY A 286 -16.62 8.60 -17.74
CA GLY A 286 -15.30 9.08 -18.13
C GLY A 286 -14.13 8.55 -17.33
N LEU A 287 -14.37 7.56 -16.48
CA LEU A 287 -13.29 6.99 -15.67
C LEU A 287 -12.73 5.75 -16.36
N ASN A 288 -13.25 5.32 -17.55
CA ASN A 288 -12.88 4.07 -18.26
C ASN A 288 -13.16 2.83 -17.38
N ILE A 289 -14.25 2.91 -16.61
CA ILE A 289 -14.72 1.86 -15.72
C ILE A 289 -16.07 1.42 -16.17
N TYR A 290 -16.20 0.10 -16.42
CA TYR A 290 -17.46 -0.52 -16.75
C TYR A 290 -17.81 -1.45 -15.57
N VAL A 291 -19.03 -1.31 -15.03
CA VAL A 291 -19.49 -2.10 -13.88
C VAL A 291 -20.69 -2.93 -14.24
N SER A 292 -20.70 -4.19 -13.77
CA SER A 292 -21.86 -5.08 -13.89
C SER A 292 -22.20 -5.53 -12.46
N THR A 293 -23.48 -5.38 -12.03
CA THR A 293 -23.93 -5.78 -10.69
C THR A 293 -25.01 -6.85 -10.79
N ALA A 294 -25.03 -7.77 -9.84
CA ALA A 294 -25.98 -8.89 -9.79
C ALA A 294 -27.43 -8.48 -9.56
N ALA A 295 -27.65 -7.44 -8.76
CA ALA A 295 -28.96 -7.08 -8.27
C ALA A 295 -29.14 -5.60 -8.03
N LYS A 296 -30.34 -5.10 -8.28
CA LYS A 296 -30.59 -3.68 -8.14
C LYS A 296 -30.98 -3.33 -6.71
N ALA A 297 -31.13 -2.05 -6.40
CA ALA A 297 -31.57 -1.57 -5.07
C ALA A 297 -32.93 -2.22 -4.74
N GLY A 298 -33.05 -2.73 -3.52
CA GLY A 298 -34.24 -3.42 -3.03
C GLY A 298 -34.31 -4.87 -3.42
N GLU A 299 -33.29 -5.37 -4.13
CA GLU A 299 -33.28 -6.77 -4.57
C GLU A 299 -32.17 -7.58 -3.92
N GLY A 300 -32.52 -8.80 -3.57
CA GLY A 300 -31.58 -9.78 -3.06
C GLY A 300 -30.99 -10.60 -4.19
N SER A 301 -29.71 -11.01 -4.07
CA SER A 301 -29.17 -11.84 -5.14
C SER A 301 -29.42 -13.32 -4.80
N TRP A 302 -29.47 -14.16 -5.80
CA TRP A 302 -29.78 -15.58 -5.62
C TRP A 302 -28.51 -16.41 -5.53
N VAL A 303 -28.62 -17.51 -4.84
CA VAL A 303 -27.50 -18.43 -4.77
C VAL A 303 -27.79 -19.57 -5.74
N ALA A 304 -26.82 -20.41 -5.96
CA ALA A 304 -27.04 -21.49 -6.88
C ALA A 304 -26.37 -22.71 -6.29
N TYR A 305 -26.81 -23.90 -6.72
CA TYR A 305 -26.19 -25.18 -6.36
C TYR A 305 -26.25 -25.50 -4.87
N CYS A 306 -27.45 -25.40 -4.28
CA CYS A 306 -27.69 -25.74 -2.87
C CYS A 306 -28.01 -27.24 -2.84
N PRO A 307 -27.88 -27.94 -1.68
CA PRO A 307 -28.24 -29.37 -1.65
C PRO A 307 -29.70 -29.70 -2.03
N SER A 308 -30.63 -28.73 -1.97
CA SER A 308 -32.05 -28.96 -2.36
C SER A 308 -32.56 -28.03 -3.49
N GLN A 309 -31.64 -27.39 -4.25
CA GLN A 309 -32.01 -26.54 -5.40
C GLN A 309 -32.13 -27.46 -6.61
N GLU A 310 -32.75 -26.98 -7.75
CA GLU A 310 -33.02 -27.77 -8.99
C GLU A 310 -31.79 -28.61 -9.38
N PRO A 311 -30.66 -28.09 -9.98
CA PRO A 311 -29.49 -28.97 -10.12
C PRO A 311 -28.85 -28.94 -8.71
N PRO A 312 -28.94 -30.04 -7.92
CA PRO A 312 -28.43 -29.98 -6.56
C PRO A 312 -26.96 -30.37 -6.43
N VAL A 313 -26.31 -29.81 -5.42
CA VAL A 313 -24.95 -30.20 -5.06
C VAL A 313 -25.14 -31.48 -4.17
N PRO A 314 -24.26 -32.53 -4.27
CA PRO A 314 -24.38 -33.66 -3.32
C PRO A 314 -24.48 -33.12 -1.88
N ALA A 315 -25.36 -33.71 -1.10
CA ALA A 315 -25.76 -33.34 0.24
C ALA A 315 -24.65 -33.23 1.25
N GLU A 316 -23.55 -34.02 1.11
CA GLU A 316 -22.46 -33.99 2.10
C GLU A 316 -21.74 -32.62 2.18
N TYR A 317 -21.84 -31.79 1.12
CA TYR A 317 -21.26 -30.44 1.15
C TYR A 317 -21.92 -29.58 2.21
N GLY A 318 -23.19 -29.86 2.49
CA GLY A 318 -23.96 -29.26 3.56
C GLY A 318 -24.14 -27.76 3.50
N THR A 319 -23.99 -27.19 2.29
CA THR A 319 -24.06 -25.74 2.06
C THR A 319 -24.16 -25.52 0.59
N CYS A 320 -24.57 -24.30 0.18
CA CYS A 320 -24.66 -23.89 -1.24
C CYS A 320 -23.26 -23.59 -1.76
N VAL A 321 -22.96 -24.02 -2.98
CA VAL A 321 -21.57 -23.89 -3.44
C VAL A 321 -21.36 -22.81 -4.51
N GLY A 322 -22.42 -22.06 -4.87
CA GLY A 322 -22.27 -21.00 -5.86
C GLY A 322 -23.31 -19.92 -5.68
N ASP A 323 -23.12 -18.83 -6.40
CA ASP A 323 -24.04 -17.70 -6.43
C ASP A 323 -24.52 -17.61 -7.87
N LEU A 324 -25.83 -17.37 -8.06
CA LEU A 324 -26.44 -17.42 -9.39
C LEU A 324 -25.80 -16.52 -10.44
N TYR A 325 -25.70 -15.21 -10.20
CA TYR A 325 -25.06 -14.29 -11.16
C TYR A 325 -23.63 -14.75 -11.49
N SER A 326 -22.89 -15.17 -10.46
CA SER A 326 -21.50 -15.60 -10.57
C SER A 326 -21.30 -16.83 -11.43
N VAL A 327 -22.01 -17.94 -11.13
CA VAL A 327 -21.86 -19.17 -11.91
C VAL A 327 -22.34 -18.94 -13.35
N THR A 328 -23.32 -18.05 -13.56
CA THR A 328 -23.81 -17.72 -14.90
C THR A 328 -22.69 -17.08 -15.74
N TRP A 329 -22.04 -16.00 -15.23
CA TRP A 329 -21.00 -15.39 -16.04
C TRP A 329 -19.79 -16.30 -16.16
N MET A 330 -19.47 -17.05 -15.10
CA MET A 330 -18.29 -17.92 -15.09
C MET A 330 -18.44 -19.14 -15.99
N GLU A 331 -19.60 -19.81 -15.96
CA GLU A 331 -19.84 -20.98 -16.82
C GLU A 331 -19.82 -20.59 -18.29
N ASP A 332 -20.25 -19.35 -18.55
CA ASP A 332 -20.25 -18.77 -19.88
C ASP A 332 -18.77 -18.51 -20.29
N SER A 333 -17.98 -17.85 -19.41
CA SER A 333 -16.56 -17.55 -19.65
C SER A 333 -15.70 -18.79 -19.80
N ASP A 334 -16.16 -19.91 -19.21
CA ASP A 334 -15.47 -21.20 -19.25
C ASP A 334 -15.53 -21.94 -20.60
N VAL A 335 -16.59 -21.72 -21.39
CA VAL A 335 -16.88 -22.52 -22.57
C VAL A 335 -16.66 -21.82 -23.93
N TYR A 336 -16.29 -20.53 -23.94
CA TYR A 336 -16.12 -19.85 -25.23
C TYR A 336 -14.75 -19.31 -25.48
N ASN A 337 -14.45 -19.08 -26.77
CA ASN A 337 -13.27 -18.35 -27.22
C ASN A 337 -13.67 -16.91 -26.79
N LEU A 338 -12.99 -16.38 -25.76
CA LEU A 338 -13.36 -15.09 -25.17
C LEU A 338 -13.03 -13.88 -26.05
N ARG A 339 -12.43 -14.12 -27.24
CA ARG A 339 -12.18 -13.07 -28.24
C ARG A 339 -13.49 -12.83 -28.99
N THR A 340 -14.39 -13.82 -28.98
CA THR A 340 -15.64 -13.81 -29.75
C THR A 340 -16.85 -13.39 -28.92
N GLN A 341 -16.66 -13.00 -27.63
CA GLN A 341 -17.75 -12.53 -26.78
C GLN A 341 -17.31 -11.26 -26.07
N THR A 342 -18.09 -10.18 -26.22
CA THR A 342 -17.76 -8.92 -25.58
C THR A 342 -18.30 -8.88 -24.13
N LEU A 343 -17.85 -7.90 -23.38
CA LEU A 343 -18.35 -7.63 -22.03
C LEU A 343 -19.86 -7.33 -22.12
N HIS A 344 -20.26 -6.61 -23.20
CA HIS A 344 -21.66 -6.26 -23.45
C HIS A 344 -22.49 -7.52 -23.69
N GLN A 345 -21.98 -8.44 -24.53
CA GLN A 345 -22.68 -9.72 -24.79
C GLN A 345 -22.78 -10.55 -23.51
N GLN A 346 -21.74 -10.54 -22.67
CA GLN A 346 -21.85 -11.30 -21.41
C GLN A 346 -22.92 -10.66 -20.51
N TYR A 347 -22.92 -9.32 -20.44
CA TYR A 347 -23.92 -8.57 -19.66
C TYR A 347 -25.34 -8.96 -20.07
N GLU A 348 -25.65 -8.90 -21.39
CA GLU A 348 -26.97 -9.27 -21.94
C GLU A 348 -27.27 -10.72 -21.69
N LEU A 349 -26.29 -11.62 -21.87
CA LEU A 349 -26.44 -13.05 -21.64
C LEU A 349 -26.84 -13.32 -20.16
N VAL A 350 -26.05 -12.80 -19.19
CA VAL A 350 -26.27 -13.04 -17.77
C VAL A 350 -27.58 -12.36 -17.34
N LYS A 351 -27.78 -11.08 -17.74
CA LYS A 351 -28.99 -10.33 -17.41
C LYS A 351 -30.25 -11.11 -17.81
N ASN A 352 -30.31 -11.57 -19.09
CA ASN A 352 -31.48 -12.29 -19.61
C ASN A 352 -31.65 -13.63 -18.95
N LYS A 353 -30.53 -14.37 -18.75
CA LYS A 353 -30.57 -15.68 -18.14
C LYS A 353 -31.08 -15.68 -16.69
N ILE A 354 -30.76 -14.64 -15.92
CA ILE A 354 -31.16 -14.64 -14.50
C ILE A 354 -32.24 -13.60 -14.18
N ALA A 355 -32.84 -12.97 -15.21
CA ALA A 355 -33.91 -11.96 -15.07
C ALA A 355 -35.05 -12.40 -14.12
N TYR A 356 -35.31 -13.72 -14.02
CA TYR A 356 -36.35 -14.29 -13.15
C TYR A 356 -35.96 -14.16 -11.66
N ALA A 357 -34.65 -14.03 -11.38
CA ALA A 357 -34.07 -13.96 -10.05
C ALA A 357 -33.78 -12.51 -9.62
N SER A 358 -32.95 -11.81 -10.37
CA SER A 358 -32.56 -10.45 -10.04
C SER A 358 -32.25 -9.70 -11.31
N THR A 359 -32.13 -8.37 -11.20
CA THR A 359 -31.87 -7.46 -12.30
C THR A 359 -30.40 -7.16 -12.38
N VAL A 360 -29.71 -7.67 -13.40
CA VAL A 360 -28.30 -7.31 -13.62
C VAL A 360 -28.29 -5.86 -14.15
N SER A 361 -27.47 -5.00 -13.53
CA SER A 361 -27.39 -3.60 -13.89
C SER A 361 -25.95 -3.26 -14.29
N GLN A 362 -25.80 -2.28 -15.16
CA GLN A 362 -24.48 -1.85 -15.60
C GLN A 362 -24.31 -0.38 -15.31
N PHE A 363 -23.09 0.03 -14.98
CA PHE A 363 -22.79 1.41 -14.66
C PHE A 363 -21.52 1.79 -15.33
N GLY A 364 -21.28 3.08 -15.44
CA GLY A 364 -20.02 3.59 -15.97
C GLY A 364 -19.97 3.85 -17.45
N ASP A 365 -18.83 3.50 -18.02
CA ASP A 365 -18.53 3.75 -19.40
C ASP A 365 -18.86 2.57 -20.25
N PHE A 366 -20.08 2.63 -20.80
CA PHE A 366 -20.62 1.59 -21.67
C PHE A 366 -19.74 1.31 -22.90
N PRO A 367 -18.98 2.27 -23.53
CA PRO A 367 -18.09 1.89 -24.65
C PRO A 367 -17.00 0.87 -24.28
N ILE A 368 -16.59 0.81 -22.98
CA ILE A 368 -15.62 -0.17 -22.47
C ILE A 368 -16.16 -1.58 -22.68
N SER A 369 -17.49 -1.77 -22.53
CA SER A 369 -18.15 -3.09 -22.70
C SER A 369 -18.11 -3.60 -24.17
N LYS A 370 -17.64 -2.77 -25.12
CA LYS A 370 -17.46 -3.19 -26.51
C LYS A 370 -16.23 -4.11 -26.61
N ASP A 371 -15.31 -4.03 -25.62
CA ASP A 371 -14.12 -4.89 -25.58
C ASP A 371 -14.56 -6.33 -25.44
N SER A 372 -13.80 -7.25 -26.05
CA SER A 372 -14.02 -8.69 -25.91
C SER A 372 -13.66 -9.06 -24.46
N LEU A 373 -14.19 -10.20 -23.99
CA LEU A 373 -13.91 -10.72 -22.65
C LEU A 373 -12.42 -11.04 -22.52
N PHE A 374 -11.80 -11.43 -23.66
CA PHE A 374 -10.38 -11.72 -23.79
C PHE A 374 -9.50 -10.58 -23.26
N GLU A 375 -9.87 -9.32 -23.52
CA GLU A 375 -9.13 -8.13 -23.07
C GLU A 375 -8.96 -8.06 -21.54
N TYR A 376 -9.83 -8.77 -20.79
CA TYR A 376 -9.81 -8.76 -19.32
C TYR A 376 -9.56 -10.11 -18.67
N MET A 377 -10.02 -11.16 -19.31
CA MET A 377 -9.95 -12.53 -18.77
C MET A 377 -9.08 -13.48 -19.57
N GLY A 378 -8.50 -12.99 -20.65
CA GLY A 378 -7.71 -13.80 -21.56
C GLY A 378 -8.64 -14.79 -22.25
N THR A 379 -8.10 -15.89 -22.74
CA THR A 379 -8.88 -16.95 -23.38
C THR A 379 -8.14 -18.28 -23.30
N ASP A 380 -8.90 -19.35 -23.09
CA ASP A 380 -8.35 -20.70 -23.01
C ASP A 380 -8.20 -21.25 -24.45
N PRO A 381 -6.94 -21.57 -24.86
CA PRO A 381 -6.71 -22.15 -26.21
C PRO A 381 -7.58 -23.36 -26.55
N ALA A 382 -7.95 -24.16 -25.53
CA ALA A 382 -8.81 -25.33 -25.70
C ALA A 382 -10.24 -24.97 -26.17
N ASN A 383 -10.62 -23.67 -26.07
CA ASN A 383 -11.93 -23.17 -26.49
C ASN A 383 -11.91 -22.36 -27.79
N GLU A 384 -10.75 -22.32 -28.49
CA GLU A 384 -10.54 -21.56 -29.73
C GLU A 384 -11.65 -21.75 -30.75
N LYS A 385 -12.07 -22.99 -30.99
CA LYS A 385 -13.12 -23.30 -31.99
C LYS A 385 -14.54 -23.02 -31.50
N ARG A 386 -14.72 -22.71 -30.19
CA ARG A 386 -16.04 -22.41 -29.60
C ARG A 386 -16.32 -20.94 -29.72
N GLN A 387 -16.83 -20.55 -30.90
CA GLN A 387 -17.13 -19.16 -31.16
C GLN A 387 -18.51 -18.82 -30.59
N TYR A 388 -18.62 -17.68 -29.90
CA TYR A 388 -19.89 -17.30 -29.31
C TYR A 388 -20.88 -16.82 -30.37
N GLU A 389 -22.13 -17.31 -30.30
CA GLU A 389 -23.19 -16.91 -31.23
C GLU A 389 -24.30 -16.10 -30.51
N ASP A 390 -24.67 -14.93 -31.08
CA ASP A 390 -25.70 -13.94 -30.70
C ASP A 390 -25.35 -13.17 -29.42
N SER A 394 -30.97 -24.72 -25.18
CA SER A 394 -32.13 -25.00 -24.35
C SER A 394 -32.17 -24.13 -23.06
N SER A 395 -33.09 -23.13 -23.04
CA SER A 395 -33.29 -22.21 -21.92
C SER A 395 -34.38 -22.74 -20.98
N SER A 396 -34.00 -23.77 -20.19
CA SER A 396 -34.84 -24.47 -19.20
C SER A 396 -34.27 -24.46 -17.75
N PRO A 397 -32.97 -24.13 -17.48
CA PRO A 397 -32.51 -24.15 -16.08
C PRO A 397 -32.96 -22.94 -15.27
N HIS A 398 -33.89 -23.17 -14.32
CA HIS A 398 -34.38 -22.18 -13.37
C HIS A 398 -34.01 -22.76 -12.01
N VAL A 399 -33.06 -22.12 -11.31
CA VAL A 399 -32.65 -22.60 -9.98
C VAL A 399 -33.81 -22.31 -9.01
N GLY A 400 -33.86 -23.06 -7.91
CA GLY A 400 -34.87 -22.81 -6.88
C GLY A 400 -34.62 -21.46 -6.24
N ALA A 401 -35.67 -20.80 -5.72
CA ALA A 401 -35.53 -19.47 -5.13
C ALA A 401 -34.87 -19.48 -3.76
N VAL A 402 -33.53 -19.38 -3.78
CA VAL A 402 -32.73 -19.32 -2.56
C VAL A 402 -31.92 -18.01 -2.60
N HIS A 403 -32.25 -17.10 -1.71
CA HIS A 403 -31.56 -15.82 -1.60
C HIS A 403 -30.38 -15.99 -0.63
N GLN A 404 -29.46 -15.01 -0.61
CA GLN A 404 -28.25 -15.04 0.23
C GLN A 404 -28.50 -15.45 1.70
N ARG A 405 -29.39 -14.74 2.41
CA ARG A 405 -29.70 -15.05 3.82
C ARG A 405 -30.39 -16.40 4.02
N GLU A 406 -31.11 -16.89 3.00
CA GLU A 406 -31.76 -18.20 3.04
C GLU A 406 -30.70 -19.28 2.89
N ALA A 407 -29.67 -19.00 2.04
CA ALA A 407 -28.55 -19.91 1.81
C ALA A 407 -27.75 -20.12 3.09
N ASP A 408 -27.43 -19.03 3.83
CA ASP A 408 -26.66 -19.14 5.08
C ASP A 408 -27.33 -20.11 6.05
N LEU A 409 -28.65 -20.04 6.11
CA LEU A 409 -29.47 -20.87 6.99
C LEU A 409 -29.49 -22.34 6.57
N HIS A 410 -29.40 -22.61 5.25
CA HIS A 410 -29.36 -23.97 4.69
C HIS A 410 -28.29 -24.74 5.43
N HIS A 411 -27.11 -24.14 5.62
CA HIS A 411 -26.02 -24.80 6.32
C HIS A 411 -26.34 -25.10 7.79
N PHE A 412 -26.90 -24.12 8.53
CA PHE A 412 -27.21 -24.35 9.95
C PHE A 412 -28.30 -25.42 10.10
N TRP A 413 -29.29 -25.37 9.21
CA TRP A 413 -30.35 -26.36 9.13
C TRP A 413 -29.75 -27.75 8.81
N ASP A 414 -28.86 -27.81 7.80
CA ASP A 414 -28.25 -29.06 7.39
C ASP A 414 -27.49 -29.77 8.51
N LYS A 415 -26.61 -29.05 9.23
CA LYS A 415 -25.84 -29.68 10.30
C LYS A 415 -26.72 -30.04 11.50
N TYR A 416 -27.90 -29.43 11.59
CA TYR A 416 -28.86 -29.78 12.61
C TYR A 416 -29.64 -31.04 12.22
N GLN A 417 -30.27 -31.03 11.02
CA GLN A 417 -31.12 -32.12 10.53
C GLN A 417 -30.34 -33.41 10.27
N LYS A 418 -29.06 -33.32 9.83
CA LYS A 418 -28.27 -34.52 9.59
C LYS A 418 -27.72 -35.14 10.89
N ALA A 419 -27.55 -34.34 11.96
CA ALA A 419 -27.02 -34.81 13.26
C ALA A 419 -27.98 -35.86 13.89
N SER A 420 -27.43 -36.90 14.53
CA SER A 420 -28.27 -37.98 15.10
C SER A 420 -29.03 -37.50 16.34
N GLU A 421 -30.32 -37.87 16.46
CA GLU A 421 -31.12 -37.47 17.62
C GLU A 421 -30.52 -37.99 18.92
N GLY A 422 -30.43 -37.12 19.92
CA GLY A 422 -29.85 -37.45 21.21
C GLY A 422 -28.37 -37.16 21.32
N SER A 423 -27.70 -36.86 20.17
CA SER A 423 -26.26 -36.57 20.14
C SER A 423 -25.92 -35.13 20.53
N ARG A 424 -24.70 -34.91 21.06
CA ARG A 424 -24.19 -33.57 21.43
C ARG A 424 -24.19 -32.68 20.17
N ASN A 425 -23.87 -33.28 19.00
CA ASN A 425 -23.88 -32.64 17.68
C ASN A 425 -25.24 -32.01 17.35
N LYS A 426 -26.36 -32.77 17.60
CA LYS A 426 -27.72 -32.28 17.39
C LYS A 426 -28.06 -31.15 18.34
N VAL A 427 -27.75 -31.33 19.65
CA VAL A 427 -27.98 -30.31 20.70
C VAL A 427 -27.24 -29.00 20.37
N ASP A 428 -25.98 -29.08 19.93
CA ASP A 428 -25.14 -27.93 19.56
C ASP A 428 -25.66 -27.23 18.31
N ALA A 429 -25.96 -28.01 17.25
CA ALA A 429 -26.47 -27.49 15.98
C ALA A 429 -27.83 -26.86 16.17
N ARG A 430 -28.68 -27.45 17.05
CA ARG A 430 -30.01 -26.93 17.37
C ARG A 430 -29.85 -25.57 18.02
N LYS A 431 -29.03 -25.49 19.08
CA LYS A 431 -28.76 -24.27 19.85
C LYS A 431 -28.29 -23.15 18.92
N GLN A 432 -27.31 -23.43 18.04
CA GLN A 432 -26.75 -22.43 17.12
C GLN A 432 -27.78 -21.96 16.13
N LEU A 433 -28.61 -22.90 15.60
CA LEU A 433 -29.67 -22.56 14.66
C LEU A 433 -30.73 -21.65 15.31
N VAL A 434 -31.18 -22.00 16.55
CA VAL A 434 -32.16 -21.23 17.31
C VAL A 434 -31.58 -19.82 17.59
N GLU A 435 -30.31 -19.76 18.02
CA GLU A 435 -29.63 -18.50 18.31
C GLU A 435 -29.47 -17.63 17.08
N VAL A 436 -29.14 -18.22 15.91
CA VAL A 436 -29.03 -17.46 14.65
C VAL A 436 -30.41 -16.81 14.35
N MET A 437 -31.47 -17.59 14.42
CA MET A 437 -32.84 -17.12 14.18
C MET A 437 -33.33 -16.11 15.20
N LEU A 438 -33.08 -16.34 16.51
CA LEU A 438 -33.46 -15.37 17.56
C LEU A 438 -32.74 -14.05 17.37
N HIS A 439 -31.48 -14.09 16.89
CA HIS A 439 -30.72 -12.90 16.67
C HIS A 439 -31.31 -12.07 15.52
N ARG A 440 -31.79 -12.74 14.45
CA ARG A 440 -32.46 -12.10 13.32
C ARG A 440 -33.74 -11.42 13.83
N MET A 441 -34.47 -12.11 14.71
CA MET A 441 -35.69 -11.58 15.30
C MET A 441 -35.38 -10.37 16.15
N HIS A 442 -34.27 -10.40 16.94
CA HIS A 442 -33.84 -9.31 17.80
C HIS A 442 -33.51 -8.08 16.97
N VAL A 443 -32.72 -8.26 15.87
CA VAL A 443 -32.34 -7.14 14.99
C VAL A 443 -33.59 -6.56 14.35
N ASP A 444 -34.49 -7.41 13.82
CA ASP A 444 -35.74 -6.95 13.17
C ASP A 444 -36.60 -6.14 14.12
N ASP A 445 -36.79 -6.66 15.36
CA ASP A 445 -37.61 -6.00 16.38
C ASP A 445 -36.99 -4.69 16.81
N SER A 446 -35.66 -4.65 17.04
CA SER A 446 -34.98 -3.45 17.46
C SER A 446 -35.10 -2.32 16.46
N ILE A 447 -34.76 -2.58 15.18
CA ILE A 447 -34.85 -1.58 14.10
C ILE A 447 -36.29 -1.05 14.00
N GLU A 448 -37.30 -1.97 14.01
CA GLU A 448 -38.72 -1.60 13.92
C GLU A 448 -39.13 -0.73 15.12
N SER A 449 -38.67 -1.10 16.33
CA SER A 449 -38.99 -0.31 17.53
C SER A 449 -38.29 1.03 17.49
N ILE A 450 -37.02 1.07 17.04
CA ILE A 450 -36.27 2.31 16.88
C ILE A 450 -37.01 3.23 15.87
N ALA A 451 -37.41 2.66 14.71
CA ALA A 451 -38.13 3.39 13.65
C ALA A 451 -39.44 3.99 14.21
N LYS A 452 -40.18 3.23 14.99
CA LYS A 452 -41.43 3.69 15.64
C LYS A 452 -41.17 4.82 16.63
N LEU A 453 -40.08 4.73 17.42
CA LEU A 453 -39.71 5.76 18.38
C LEU A 453 -39.29 7.06 17.72
N LEU A 454 -38.51 7.00 16.62
CA LEU A 454 -38.06 8.21 15.94
C LEU A 454 -39.13 8.88 15.10
N PHE A 455 -40.04 8.08 14.51
CA PHE A 455 -40.98 8.59 13.54
C PHE A 455 -42.45 8.58 13.96
N GLY A 456 -42.76 8.09 15.16
CA GLY A 456 -44.08 8.21 15.75
C GLY A 456 -45.24 7.30 15.38
N SER A 457 -45.14 6.56 14.28
CA SER A 457 -46.20 5.65 13.86
C SER A 457 -45.59 4.50 13.09
N GLY A 458 -46.28 3.37 13.08
CA GLY A 458 -45.95 2.17 12.33
C GLY A 458 -45.86 2.48 10.84
N ALA A 459 -46.76 3.35 10.34
CA ALA A 459 -46.77 3.80 8.94
C ALA A 459 -45.47 4.53 8.57
N LYS A 460 -45.12 5.59 9.33
CA LYS A 460 -43.93 6.41 9.08
C LYS A 460 -42.66 5.62 9.33
N ALA A 461 -42.64 4.73 10.35
CA ALA A 461 -41.51 3.87 10.67
C ALA A 461 -41.21 2.97 9.44
N SER A 462 -42.26 2.33 8.91
CA SER A 462 -42.22 1.44 7.75
C SER A 462 -41.74 2.20 6.51
N GLU A 463 -42.19 3.46 6.34
CA GLU A 463 -41.78 4.29 5.24
C GLU A 463 -40.28 4.54 5.30
N MET A 464 -39.78 4.90 6.48
CA MET A 464 -38.36 5.18 6.68
C MET A 464 -37.50 3.91 6.57
N MET A 465 -38.06 2.77 6.93
CA MET A 465 -37.34 1.50 6.77
C MET A 465 -37.29 1.02 5.32
N ASN A 466 -38.33 1.30 4.52
CA ASN A 466 -38.46 0.71 3.20
C ASN A 466 -38.28 1.62 1.98
N THR A 467 -38.36 2.95 2.13
CA THR A 467 -38.18 3.86 0.96
C THR A 467 -36.80 3.78 0.29
N ILE A 468 -36.82 3.59 -1.06
CA ILE A 468 -35.65 3.54 -1.95
C ILE A 468 -35.66 4.92 -2.63
N ARG A 469 -34.53 5.62 -2.63
CA ARG A 469 -34.41 6.94 -3.28
C ARG A 469 -34.59 6.76 -4.80
N PRO A 470 -35.04 7.78 -5.56
CA PRO A 470 -35.24 7.56 -7.00
C PRO A 470 -34.01 7.00 -7.72
N PRO A 471 -34.18 6.29 -8.88
CA PRO A 471 -32.99 5.79 -9.59
C PRO A 471 -32.03 6.93 -9.97
N GLY A 472 -30.74 6.64 -9.91
CA GLY A 472 -29.70 7.60 -10.23
C GLY A 472 -29.29 8.50 -9.08
N GLN A 473 -29.95 8.34 -7.92
CA GLN A 473 -29.62 9.11 -6.72
C GLN A 473 -28.76 8.28 -5.76
N PRO A 474 -27.76 8.86 -5.08
CA PRO A 474 -26.98 8.05 -4.12
C PRO A 474 -27.85 7.64 -2.92
N LEU A 475 -27.53 6.50 -2.27
CA LEU A 475 -28.31 6.01 -1.14
C LEU A 475 -28.49 7.06 -0.03
N VAL A 476 -27.40 7.75 0.28
CA VAL A 476 -27.35 8.73 1.36
C VAL A 476 -26.54 9.92 0.89
N SER A 477 -26.84 11.10 1.41
CA SER A 477 -26.09 12.32 1.04
C SER A 477 -24.82 12.40 1.87
N ASP A 478 -24.93 12.04 3.17
CA ASP A 478 -23.84 12.10 4.13
C ASP A 478 -23.43 10.67 4.54
N TRP A 479 -22.34 10.19 3.95
CA TRP A 479 -21.81 8.84 4.19
C TRP A 479 -21.21 8.69 5.57
N ASP A 480 -20.69 9.79 6.17
CA ASP A 480 -20.16 9.81 7.53
C ASP A 480 -21.29 9.62 8.53
N CYS A 481 -22.43 10.23 8.25
CA CYS A 481 -23.61 10.07 9.09
C CYS A 481 -24.07 8.60 9.03
N LEU A 482 -24.06 7.97 7.81
CA LEU A 482 -24.45 6.56 7.67
C LEU A 482 -23.56 5.68 8.55
N LYS A 483 -22.23 5.85 8.42
CA LYS A 483 -21.25 5.09 9.19
C LYS A 483 -21.52 5.27 10.67
N THR A 484 -21.79 6.51 11.08
CA THR A 484 -22.08 6.86 12.47
C THR A 484 -23.32 6.16 12.96
N MET A 485 -24.39 6.13 12.15
CA MET A 485 -25.65 5.47 12.54
C MET A 485 -25.47 4.00 12.77
N VAL A 486 -24.67 3.34 11.89
CA VAL A 486 -24.32 1.92 12.01
C VAL A 486 -23.61 1.69 13.37
N ARG A 487 -22.55 2.46 13.66
CA ARG A 487 -21.80 2.34 14.94
C ARG A 487 -22.67 2.61 16.17
N THR A 488 -23.57 3.63 16.09
CA THR A 488 -24.50 3.98 17.17
C THR A 488 -25.43 2.81 17.43
N PHE A 489 -26.06 2.25 16.35
CA PHE A 489 -26.94 1.10 16.53
C PHE A 489 -26.16 -0.04 17.17
N GLU A 490 -24.96 -0.32 16.66
CA GLU A 490 -24.18 -1.46 17.12
C GLU A 490 -23.76 -1.34 18.56
N THR A 491 -23.41 -0.11 19.01
CA THR A 491 -23.04 0.16 20.40
C THR A 491 -24.12 -0.27 21.37
N HIS A 492 -25.36 0.13 21.15
CA HIS A 492 -26.47 -0.17 22.05
C HIS A 492 -27.18 -1.48 21.78
N CYS A 493 -27.20 -1.92 20.52
CA CYS A 493 -28.02 -3.06 20.12
C CYS A 493 -27.26 -4.26 19.63
N GLY A 494 -25.94 -4.18 19.54
CA GLY A 494 -25.14 -5.29 19.05
C GLY A 494 -24.81 -5.21 17.57
N SER A 495 -23.77 -5.96 17.16
CA SER A 495 -23.29 -6.02 15.79
C SER A 495 -24.38 -6.34 14.78
N LEU A 496 -24.35 -5.64 13.63
CA LEU A 496 -25.22 -5.91 12.47
C LEU A 496 -24.44 -6.79 11.48
N SER A 497 -23.20 -7.12 11.80
CA SER A 497 -22.26 -7.89 10.98
C SER A 497 -22.81 -9.24 10.53
N GLU A 498 -23.16 -10.12 11.48
CA GLU A 498 -23.73 -11.45 11.25
C GLU A 498 -25.04 -11.34 10.43
N TYR A 499 -25.87 -10.34 10.77
CA TYR A 499 -27.17 -10.08 10.15
C TYR A 499 -27.69 -8.68 10.49
N GLY A 500 -28.36 -8.07 9.53
CA GLY A 500 -29.01 -6.79 9.77
C GLY A 500 -28.48 -5.58 9.02
N MET A 501 -27.35 -5.75 8.32
CA MET A 501 -26.80 -4.64 7.58
C MET A 501 -27.68 -4.23 6.40
N LYS A 502 -28.71 -5.03 6.06
CA LYS A 502 -29.70 -4.66 5.04
C LYS A 502 -30.44 -3.37 5.49
N TYR A 503 -30.42 -3.11 6.82
CA TYR A 503 -31.06 -1.93 7.43
C TYR A 503 -30.25 -0.65 7.24
N THR A 504 -29.17 -0.68 6.43
CA THR A 504 -28.44 0.56 6.12
C THR A 504 -29.37 1.48 5.29
N ARG A 505 -30.43 0.91 4.64
CA ARG A 505 -31.43 1.69 3.90
C ARG A 505 -32.17 2.59 4.89
N PHE A 506 -32.67 1.97 5.97
CA PHE A 506 -33.32 2.67 7.04
C PHE A 506 -32.36 3.71 7.66
N LEU A 507 -31.12 3.31 7.93
CA LEU A 507 -30.17 4.25 8.51
C LEU A 507 -29.88 5.42 7.58
N ALA A 508 -29.77 5.16 6.27
CA ALA A 508 -29.52 6.20 5.26
C ALA A 508 -30.70 7.17 5.23
N ASN A 509 -31.95 6.66 5.37
CA ASN A 509 -33.16 7.50 5.40
C ASN A 509 -33.19 8.40 6.62
N ILE A 510 -32.73 7.88 7.79
CA ILE A 510 -32.59 8.61 9.05
C ILE A 510 -31.65 9.83 8.79
N CYS A 511 -30.49 9.57 8.16
CA CYS A 511 -29.49 10.58 7.82
C CYS A 511 -30.04 11.64 6.93
N ASN A 512 -30.67 11.23 5.83
CA ASN A 512 -31.28 12.08 4.81
C ASN A 512 -32.41 12.92 5.38
N SER A 513 -33.07 12.41 6.43
CA SER A 513 -34.17 13.07 7.17
C SER A 513 -33.63 14.10 8.18
N GLY A 514 -32.35 14.05 8.47
CA GLY A 514 -31.71 14.98 9.38
C GLY A 514 -31.68 14.55 10.83
N ILE A 515 -31.93 13.26 11.14
CA ILE A 515 -31.85 12.76 12.51
C ILE A 515 -30.37 12.71 12.91
N GLN A 516 -30.10 13.17 14.14
CA GLN A 516 -28.74 13.24 14.66
C GLN A 516 -28.41 11.96 15.41
N LYS A 517 -27.12 11.67 15.55
CA LYS A 517 -26.62 10.47 16.23
C LYS A 517 -27.09 10.36 17.67
N GLU A 518 -27.27 11.51 18.35
CA GLU A 518 -27.73 11.55 19.75
C GLU A 518 -29.16 11.05 19.85
N LYS A 519 -30.00 11.41 18.88
CA LYS A 519 -31.38 10.96 18.85
C LYS A 519 -31.44 9.45 18.51
N MET A 520 -30.54 8.96 17.63
CA MET A 520 -30.45 7.54 17.26
C MET A 520 -29.98 6.76 18.49
N GLY A 521 -28.98 7.29 19.20
CA GLY A 521 -28.44 6.71 20.44
C GLY A 521 -29.48 6.57 21.54
N GLU A 522 -30.29 7.64 21.81
CA GLU A 522 -31.36 7.56 22.84
C GLU A 522 -32.37 6.50 22.45
N ALA A 523 -32.91 6.56 21.19
CA ALA A 523 -33.89 5.59 20.72
C ALA A 523 -33.34 4.14 20.80
N SER A 524 -32.08 3.91 20.37
CA SER A 524 -31.46 2.57 20.42
C SER A 524 -31.30 2.07 21.86
N ALA A 525 -30.86 2.93 22.76
CA ALA A 525 -30.64 2.60 24.17
C ALA A 525 -31.98 2.21 24.83
N GLN A 526 -33.04 3.01 24.56
CA GLN A 526 -34.39 2.77 25.07
C GLN A 526 -34.95 1.42 24.57
N VAL A 527 -34.73 1.12 23.28
CA VAL A 527 -35.22 -0.12 22.66
C VAL A 527 -34.43 -1.32 23.12
N CYS A 528 -33.10 -1.24 23.09
CA CYS A 528 -32.32 -2.44 23.37
C CYS A 528 -32.00 -2.69 24.85
N LEU A 529 -32.54 -1.84 25.74
CA LEU A 529 -32.53 -2.02 27.20
C LEU A 529 -33.32 -3.33 27.47
N ASN A 530 -32.73 -4.29 28.19
CA ASN A 530 -33.38 -5.60 28.45
C ASN A 530 -32.98 -6.24 29.82
N PHE A 531 -32.45 -5.42 30.75
CA PHE A 531 -31.98 -5.91 32.04
C PHE A 531 -32.94 -5.55 33.21
N PRO A 532 -32.83 -6.19 34.42
CA PRO A 532 -33.79 -5.93 35.51
C PRO A 532 -34.02 -4.49 35.94
N ALA B 110 41.92 -5.58 -17.15
CA ALA B 110 41.09 -5.47 -15.96
C ALA B 110 41.31 -4.14 -15.22
N GLY B 111 40.28 -3.68 -14.51
CA GLY B 111 40.31 -2.44 -13.76
C GLY B 111 40.33 -2.60 -12.26
N THR B 112 40.33 -1.47 -11.56
CA THR B 112 40.34 -1.41 -10.10
C THR B 112 38.92 -1.09 -9.61
N LYS B 113 38.53 -1.69 -8.48
CA LYS B 113 37.25 -1.45 -7.83
C LYS B 113 37.47 -0.37 -6.80
N TRP B 114 36.81 0.76 -7.01
CA TRP B 114 36.86 1.93 -6.15
C TRP B 114 35.49 2.14 -5.47
N ALA B 115 35.47 2.83 -4.33
CA ALA B 115 34.25 3.14 -3.61
C ALA B 115 34.32 4.48 -2.90
N VAL B 116 33.16 5.14 -2.80
CA VAL B 116 33.00 6.37 -2.02
C VAL B 116 31.83 6.12 -1.08
N LEU B 117 32.10 6.20 0.23
CA LEU B 117 31.08 5.96 1.25
C LEU B 117 30.86 7.24 2.00
N ILE B 118 29.60 7.73 2.07
CA ILE B 118 29.31 8.99 2.73
C ILE B 118 28.05 8.95 3.61
N ALA B 119 28.21 9.41 4.88
CA ALA B 119 27.10 9.61 5.80
C ALA B 119 26.89 11.12 5.74
N GLY B 120 25.68 11.56 5.37
CA GLY B 120 25.42 12.99 5.21
C GLY B 120 24.94 13.68 6.45
N SER B 121 25.15 13.07 7.61
CA SER B 121 24.65 13.65 8.87
C SER B 121 25.68 13.58 9.97
N LYS B 122 25.36 14.21 11.09
CA LYS B 122 26.17 14.20 12.32
C LYS B 122 25.20 14.14 13.51
N GLY B 123 25.77 13.95 14.69
CA GLY B 123 25.01 13.88 15.94
C GLY B 123 24.73 12.46 16.30
N TYR B 124 24.77 12.16 17.59
CA TYR B 124 24.51 10.82 18.11
C TYR B 124 23.13 10.27 17.72
N GLN B 125 22.13 11.16 17.55
CA GLN B 125 20.77 10.80 17.10
C GLN B 125 20.84 10.14 15.72
N ASN B 126 21.89 10.49 14.94
CA ASN B 126 22.10 9.99 13.58
C ASN B 126 23.16 8.92 13.50
N TYR B 127 23.44 8.25 14.63
CA TYR B 127 24.38 7.14 14.78
C TYR B 127 24.32 6.18 13.56
N ARG B 128 23.10 5.82 13.17
CA ARG B 128 22.78 4.87 12.11
C ARG B 128 23.47 5.13 10.77
N HIS B 129 23.56 6.41 10.34
CA HIS B 129 24.14 6.74 9.02
C HIS B 129 25.63 6.42 9.00
N GLN B 130 26.34 6.76 10.07
CA GLN B 130 27.78 6.46 10.18
C GLN B 130 28.01 4.96 10.38
N ALA B 131 27.06 4.29 11.12
CA ALA B 131 27.07 2.83 11.32
C ALA B 131 26.92 2.12 9.96
N ASP B 132 26.02 2.64 9.12
CA ASP B 132 25.78 2.12 7.77
C ASP B 132 27.07 2.20 6.94
N VAL B 133 27.70 3.38 6.92
CA VAL B 133 28.98 3.62 6.21
C VAL B 133 30.07 2.64 6.68
N CYS B 134 30.27 2.50 8.00
CA CYS B 134 31.29 1.61 8.57
C CYS B 134 31.06 0.14 8.16
N HIS B 135 29.79 -0.29 8.15
CA HIS B 135 29.41 -1.63 7.71
C HIS B 135 29.73 -1.79 6.20
N ALA B 136 29.37 -0.81 5.35
CA ALA B 136 29.65 -0.84 3.91
C ALA B 136 31.16 -1.01 3.69
N TYR B 137 31.98 -0.32 4.49
CA TYR B 137 33.43 -0.46 4.40
C TYR B 137 33.86 -1.91 4.73
N GLN B 138 33.32 -2.51 5.81
CA GLN B 138 33.69 -3.88 6.20
C GLN B 138 33.44 -4.88 5.08
N ILE B 139 32.32 -4.69 4.35
CA ILE B 139 31.93 -5.54 3.23
C ILE B 139 32.94 -5.42 2.10
N LEU B 140 33.26 -4.17 1.72
CA LEU B 140 34.21 -3.91 0.65
C LEU B 140 35.61 -4.46 1.01
N ARG B 141 36.07 -4.24 2.27
CA ARG B 141 37.36 -4.74 2.79
C ARG B 141 37.43 -6.29 2.67
N LYS B 142 36.40 -6.99 3.17
CA LYS B 142 36.30 -8.45 3.13
C LYS B 142 36.20 -8.97 1.70
N GLY B 143 35.68 -8.12 0.81
CA GLY B 143 35.55 -8.45 -0.61
C GLY B 143 36.83 -8.31 -1.40
N GLY B 144 37.86 -7.73 -0.77
CA GLY B 144 39.16 -7.50 -1.41
C GLY B 144 39.35 -6.13 -2.02
N VAL B 145 38.39 -5.20 -1.82
CA VAL B 145 38.52 -3.82 -2.31
C VAL B 145 39.52 -3.13 -1.36
N LYS B 146 40.54 -2.49 -1.90
CA LYS B 146 41.64 -1.92 -1.12
C LYS B 146 41.29 -0.59 -0.49
N ASP B 147 41.88 -0.29 0.69
CA ASP B 147 41.69 0.97 1.41
C ASP B 147 42.05 2.19 0.58
N GLU B 148 43.10 2.12 -0.22
CA GLU B 148 43.55 3.22 -1.08
C GLU B 148 42.48 3.60 -2.11
N ASN B 149 41.53 2.68 -2.39
CA ASN B 149 40.42 2.87 -3.34
C ASN B 149 39.06 3.05 -2.65
N ILE B 150 39.02 3.10 -1.30
CA ILE B 150 37.78 3.31 -0.55
C ILE B 150 37.86 4.68 0.13
N ILE B 151 37.12 5.65 -0.40
CA ILE B 151 37.09 6.99 0.19
C ILE B 151 35.94 7.04 1.22
N VAL B 152 36.27 7.35 2.48
CA VAL B 152 35.24 7.42 3.51
C VAL B 152 34.98 8.86 3.99
N PHE B 153 33.70 9.27 3.96
CA PHE B 153 33.23 10.53 4.51
C PHE B 153 32.30 10.20 5.67
N MET B 154 32.70 10.53 6.89
CA MET B 154 31.84 10.35 8.07
C MET B 154 32.27 11.39 9.06
N TYR B 155 31.32 12.10 9.65
CA TYR B 155 31.64 13.17 10.58
C TYR B 155 32.56 12.71 11.73
N ASP B 156 32.45 11.42 12.12
CA ASP B 156 33.26 10.73 13.11
C ASP B 156 33.04 11.23 14.55
N ASP B 157 31.80 11.59 14.86
CA ASP B 157 31.43 12.09 16.19
C ASP B 157 30.60 11.01 16.94
N ILE B 158 30.62 9.75 16.45
CA ILE B 158 29.83 8.66 17.03
C ILE B 158 30.61 7.74 17.97
N ALA B 159 31.76 7.22 17.49
CA ALA B 159 32.56 6.25 18.25
C ALA B 159 32.92 6.73 19.64
N TYR B 160 33.22 8.03 19.80
CA TYR B 160 33.60 8.57 21.10
C TYR B 160 32.62 9.60 21.63
N ASP B 161 31.36 9.53 21.19
CA ASP B 161 30.36 10.42 21.74
C ASP B 161 30.11 9.97 23.20
N ILE B 162 29.90 10.93 24.09
CA ILE B 162 29.63 10.61 25.50
C ILE B 162 28.35 9.75 25.69
N ARG B 163 27.41 9.78 24.70
CA ARG B 163 26.19 8.95 24.78
C ARG B 163 26.47 7.51 24.33
N ASN B 164 27.63 7.24 23.68
CA ASN B 164 27.94 5.90 23.21
C ASN B 164 28.20 4.97 24.40
N PRO B 165 27.41 3.89 24.62
CA PRO B 165 27.68 3.00 25.76
C PRO B 165 29.00 2.24 25.66
N TYR B 166 29.49 2.01 24.41
CA TYR B 166 30.71 1.29 24.12
C TYR B 166 31.66 2.13 23.25
N PRO B 167 32.33 3.14 23.86
CA PRO B 167 33.24 4.01 23.09
C PRO B 167 34.29 3.25 22.29
N GLY B 168 34.58 3.75 21.08
CA GLY B 168 35.51 3.12 20.18
C GLY B 168 34.86 2.06 19.34
N THR B 169 33.54 1.85 19.49
CA THR B 169 32.79 0.86 18.71
C THR B 169 31.58 1.53 18.05
N ILE B 170 31.14 0.97 16.94
CA ILE B 170 29.93 1.35 16.23
C ILE B 170 29.35 0.04 15.75
N ILE B 171 28.05 -0.19 16.01
CA ILE B 171 27.36 -1.40 15.56
C ILE B 171 26.33 -1.03 14.50
N ASN B 172 25.92 -2.00 13.66
CA ASN B 172 24.94 -1.75 12.62
C ASN B 172 23.88 -2.86 12.57
N SER B 173 23.74 -3.60 13.69
CA SER B 173 22.80 -4.73 13.82
C SER B 173 22.65 -5.16 15.27
N PRO B 174 21.56 -5.90 15.61
CA PRO B 174 21.38 -6.40 16.99
C PRO B 174 22.47 -7.41 17.44
N ASP B 175 23.25 -7.96 16.48
CA ASP B 175 24.40 -8.87 16.70
C ASP B 175 25.53 -8.20 17.49
N LYS B 176 25.50 -6.84 17.60
CA LYS B 176 26.46 -5.99 18.30
C LYS B 176 27.89 -6.11 17.76
N LYS B 177 28.04 -6.53 16.49
CA LYS B 177 29.35 -6.68 15.86
C LYS B 177 29.89 -5.31 15.52
N ASP B 178 31.10 -4.99 15.99
CA ASP B 178 31.72 -3.70 15.69
C ASP B 178 32.02 -3.60 14.20
N VAL B 179 31.75 -2.42 13.62
CA VAL B 179 32.00 -2.14 12.20
C VAL B 179 32.94 -0.93 12.06
N TYR B 180 33.24 -0.26 13.17
CA TYR B 180 34.09 0.93 13.19
C TYR B 180 35.57 0.66 12.94
N LYS B 181 36.11 -0.43 13.52
CA LYS B 181 37.55 -0.79 13.43
C LYS B 181 38.10 -0.85 12.02
N GLY B 182 39.14 -0.08 11.79
CA GLY B 182 39.83 -0.05 10.51
C GLY B 182 39.21 0.83 9.46
N VAL B 183 38.05 1.49 9.78
CA VAL B 183 37.39 2.36 8.80
C VAL B 183 38.27 3.56 8.50
N PRO B 184 38.69 3.77 7.23
CA PRO B 184 39.51 4.96 6.90
C PRO B 184 38.79 6.26 7.25
N LYS B 185 39.55 7.28 7.63
CA LYS B 185 39.03 8.58 8.02
C LYS B 185 39.47 9.61 7.00
N ASP B 186 39.06 9.44 5.73
CA ASP B 186 39.45 10.36 4.65
C ASP B 186 38.93 11.76 4.86
N TYR B 187 37.62 11.91 5.15
CA TYR B 187 36.99 13.22 5.34
C TYR B 187 36.07 13.11 6.54
N THR B 188 36.46 13.77 7.63
CA THR B 188 35.74 13.76 8.90
C THR B 188 35.46 15.17 9.31
N GLY B 189 34.62 15.35 10.33
CA GLY B 189 34.28 16.68 10.83
C GLY B 189 33.80 17.58 9.71
N GLU B 190 34.28 18.84 9.72
CA GLU B 190 33.89 19.85 8.73
C GLU B 190 34.36 19.53 7.29
N ASP B 191 35.19 18.49 7.11
CA ASP B 191 35.63 18.07 5.78
C ASP B 191 34.58 17.24 5.05
N VAL B 192 33.48 16.85 5.74
CA VAL B 192 32.33 16.16 5.12
C VAL B 192 31.47 17.31 4.61
N ASN B 193 31.74 17.72 3.37
CA ASN B 193 31.06 18.86 2.78
C ASN B 193 30.89 18.61 1.29
N VAL B 194 30.00 19.39 0.64
CA VAL B 194 29.67 19.24 -0.78
C VAL B 194 30.92 19.32 -1.66
N GLN B 195 31.75 20.36 -1.43
CA GLN B 195 32.98 20.61 -2.18
C GLN B 195 33.87 19.37 -2.24
N ASN B 196 34.14 18.74 -1.08
CA ASN B 196 34.98 17.56 -1.00
C ASN B 196 34.34 16.35 -1.61
N PHE B 197 33.03 16.17 -1.39
CA PHE B 197 32.31 15.04 -1.97
C PHE B 197 32.38 15.07 -3.52
N LEU B 198 32.08 16.23 -4.12
CA LEU B 198 32.12 16.39 -5.58
C LEU B 198 33.54 16.30 -6.17
N ALA B 199 34.54 16.90 -5.50
CA ALA B 199 35.94 16.84 -5.95
C ALA B 199 36.43 15.41 -5.86
N VAL B 200 36.02 14.67 -4.79
CA VAL B 200 36.39 13.26 -4.63
C VAL B 200 35.88 12.47 -5.84
N ILE B 201 34.61 12.65 -6.19
CA ILE B 201 34.01 11.94 -7.36
C ILE B 201 34.82 12.24 -8.63
N LEU B 202 35.12 13.52 -8.88
CA LEU B 202 35.86 13.97 -10.07
C LEU B 202 37.34 13.59 -10.07
N GLY B 203 37.89 13.25 -8.91
CA GLY B 203 39.29 12.86 -8.75
C GLY B 203 40.22 14.06 -8.70
N ASN B 204 39.71 15.20 -8.26
CA ASN B 204 40.45 16.43 -8.15
C ASN B 204 40.94 16.70 -6.70
N LYS B 205 42.22 16.35 -6.43
CA LYS B 205 42.88 16.53 -5.12
C LYS B 205 43.10 18.00 -4.80
N THR B 206 43.15 18.85 -5.82
CA THR B 206 43.43 20.27 -5.66
C THR B 206 42.21 21.09 -5.29
N ALA B 207 41.01 20.52 -5.43
CA ALA B 207 39.75 21.23 -5.11
C ALA B 207 39.24 20.97 -3.68
N LEU B 208 40.00 20.19 -2.89
CA LEU B 208 39.62 19.83 -1.53
C LEU B 208 39.87 20.92 -0.48
N THR B 209 38.99 21.02 0.52
CA THR B 209 39.10 21.99 1.63
C THR B 209 39.93 21.40 2.78
N GLY B 210 40.22 20.11 2.71
CA GLY B 210 40.93 19.35 3.73
C GLY B 210 40.77 17.86 3.50
N GLY B 211 41.13 17.06 4.50
CA GLY B 211 41.04 15.61 4.42
C GLY B 211 42.28 14.91 3.92
N SER B 212 42.20 13.58 3.76
CA SER B 212 43.33 12.75 3.35
C SER B 212 43.89 13.05 1.93
N GLY B 213 43.02 13.52 1.03
CA GLY B 213 43.38 13.77 -0.36
C GLY B 213 43.07 12.56 -1.23
N LYS B 214 42.57 11.46 -0.62
CA LYS B 214 42.16 10.26 -1.36
C LYS B 214 40.93 10.65 -2.18
N VAL B 215 40.98 10.41 -3.51
CA VAL B 215 39.95 10.80 -4.47
C VAL B 215 39.73 9.68 -5.45
N LEU B 216 38.70 9.82 -6.30
CA LEU B 216 38.44 8.85 -7.36
C LEU B 216 39.32 9.21 -8.58
N ASP B 217 40.64 9.00 -8.42
CA ASP B 217 41.66 9.23 -9.45
C ASP B 217 41.66 7.92 -10.27
N THR B 218 40.51 7.66 -10.89
CA THR B 218 40.17 6.44 -11.60
C THR B 218 40.58 6.47 -13.08
N ARG B 219 40.68 5.27 -13.66
CA ARG B 219 41.05 5.00 -15.04
C ARG B 219 39.83 4.48 -15.82
N PRO B 220 39.84 4.49 -17.19
CA PRO B 220 38.64 4.08 -17.95
C PRO B 220 38.07 2.68 -17.71
N ASN B 221 38.88 1.71 -17.27
CA ASN B 221 38.37 0.35 -17.04
C ASN B 221 37.94 0.11 -15.57
N ASP B 222 37.98 1.17 -14.76
CA ASP B 222 37.63 1.05 -13.35
C ASP B 222 36.14 0.97 -13.06
N HIS B 223 35.80 0.37 -11.90
CA HIS B 223 34.43 0.29 -11.41
C HIS B 223 34.32 1.16 -10.17
N ILE B 224 33.21 1.89 -10.05
CA ILE B 224 32.96 2.80 -8.94
C ILE B 224 31.67 2.42 -8.21
N PHE B 225 31.76 2.38 -6.87
CA PHE B 225 30.60 2.13 -6.03
C PHE B 225 30.45 3.30 -5.08
N ILE B 226 29.39 4.08 -5.27
CA ILE B 226 29.13 5.22 -4.40
C ILE B 226 27.95 4.87 -3.51
N TYR B 227 28.13 5.03 -2.20
CA TYR B 227 27.07 4.80 -1.24
C TYR B 227 26.86 6.01 -0.34
N TYR B 228 25.67 6.62 -0.45
CA TYR B 228 25.27 7.76 0.37
C TYR B 228 24.20 7.30 1.39
N THR B 229 24.34 7.73 2.66
CA THR B 229 23.30 7.42 3.66
C THR B 229 23.07 8.62 4.60
N ASP B 230 21.81 9.06 4.75
CA ASP B 230 21.40 10.16 5.64
C ASP B 230 19.95 10.54 5.47
N HIS B 231 19.70 11.83 5.63
CA HIS B 231 18.44 12.54 5.49
C HIS B 231 18.38 13.00 4.06
N GLY B 232 17.20 12.87 3.51
CA GLY B 232 16.95 13.31 2.16
C GLY B 232 15.71 14.14 2.17
N TYR B 233 15.60 15.00 1.17
CA TYR B 233 14.50 15.96 0.98
C TYR B 233 14.24 16.01 -0.52
N PRO B 234 13.09 16.55 -0.99
CA PRO B 234 12.88 16.62 -2.45
C PRO B 234 14.03 17.40 -3.12
N GLY B 235 14.76 16.72 -3.99
CA GLY B 235 15.88 17.29 -4.75
C GLY B 235 17.10 17.69 -3.96
N VAL B 236 17.14 17.38 -2.63
CA VAL B 236 18.25 17.76 -1.76
C VAL B 236 18.69 16.64 -0.82
N LEU B 237 20.02 16.37 -0.76
CA LEU B 237 20.59 15.42 0.18
C LEU B 237 21.23 16.20 1.30
N GLY B 238 21.02 15.76 2.53
CA GLY B 238 21.59 16.41 3.71
C GLY B 238 23.10 16.32 3.79
N MET B 239 23.74 17.29 4.46
CA MET B 239 25.19 17.27 4.70
C MET B 239 25.40 17.64 6.18
N PRO B 240 26.46 17.17 6.88
CA PRO B 240 26.60 17.51 8.33
C PRO B 240 27.04 18.98 8.53
N THR B 241 27.46 19.61 7.41
CA THR B 241 27.95 20.98 7.27
C THR B 241 27.06 21.73 6.28
N GLU B 242 27.07 23.07 6.33
CA GLU B 242 26.32 23.92 5.41
C GLU B 242 27.24 24.09 4.19
N PRO B 243 26.76 23.99 2.92
CA PRO B 243 25.38 23.82 2.42
C PRO B 243 24.97 22.36 2.16
N TYR B 244 23.68 22.14 1.86
CA TYR B 244 23.18 20.82 1.55
C TYR B 244 23.49 20.48 0.09
N LEU B 245 23.42 19.21 -0.26
CA LEU B 245 23.71 18.77 -1.60
C LEU B 245 22.46 18.78 -2.49
N TYR B 246 22.41 19.74 -3.43
CA TYR B 246 21.31 19.83 -4.39
C TYR B 246 21.53 18.82 -5.50
N ALA B 247 20.45 18.16 -5.92
CA ALA B 247 20.46 17.12 -6.94
C ALA B 247 21.16 17.50 -8.25
N ASN B 248 20.92 18.71 -8.76
CA ASN B 248 21.56 19.14 -10.03
C ASN B 248 23.07 19.18 -9.95
N ASP B 249 23.64 19.60 -8.80
CA ASP B 249 25.11 19.65 -8.63
C ASP B 249 25.69 18.26 -8.63
N LEU B 250 24.98 17.31 -8.00
CA LEU B 250 25.44 15.92 -7.97
C LEU B 250 25.39 15.31 -9.38
N ILE B 251 24.26 15.51 -10.10
CA ILE B 251 24.07 14.98 -11.45
C ILE B 251 25.08 15.61 -12.43
N ASP B 252 25.29 16.94 -12.34
CA ASP B 252 26.30 17.65 -13.14
C ASP B 252 27.67 17.05 -12.93
N THR B 253 28.00 16.70 -11.64
CA THR B 253 29.26 16.09 -11.28
C THR B 253 29.41 14.72 -11.93
N LEU B 254 28.33 13.90 -11.92
CA LEU B 254 28.36 12.56 -12.52
C LEU B 254 28.47 12.67 -14.06
N LYS B 255 27.82 13.71 -14.66
CA LYS B 255 27.89 14.01 -16.10
C LYS B 255 29.34 14.38 -16.46
N LYS B 256 29.98 15.26 -15.64
CA LYS B 256 31.39 15.66 -15.80
C LYS B 256 32.32 14.45 -15.67
N LYS B 257 32.08 13.58 -14.67
CA LYS B 257 32.82 12.34 -14.43
C LYS B 257 32.75 11.45 -15.70
N HIS B 258 31.54 11.30 -16.28
CA HIS B 258 31.29 10.54 -17.50
C HIS B 258 32.08 11.12 -18.69
N ALA B 259 32.01 12.47 -18.85
CA ALA B 259 32.71 13.23 -19.87
C ALA B 259 34.23 12.95 -19.85
N LEU B 260 34.80 12.77 -18.64
CA LEU B 260 36.22 12.46 -18.43
C LEU B 260 36.55 11.03 -18.87
N GLY B 261 35.52 10.17 -18.91
CA GLY B 261 35.63 8.76 -19.33
C GLY B 261 36.47 7.91 -18.42
N THR B 262 36.56 8.29 -17.14
CA THR B 262 37.43 7.64 -16.15
C THR B 262 36.78 6.51 -15.35
N TYR B 263 35.93 5.69 -15.99
CA TYR B 263 35.30 4.50 -15.40
C TYR B 263 34.53 3.76 -16.47
N GLU B 264 34.30 2.47 -16.24
CA GLU B 264 33.60 1.50 -17.09
C GLU B 264 32.14 1.30 -16.58
N GLY B 265 31.97 1.37 -15.25
CA GLY B 265 30.69 1.22 -14.57
C GLY B 265 30.69 1.91 -13.24
N LEU B 266 29.60 2.63 -12.93
CA LEU B 266 29.43 3.37 -11.69
C LEU B 266 28.07 3.01 -11.12
N VAL B 267 28.07 2.55 -9.85
CA VAL B 267 26.88 2.14 -9.12
C VAL B 267 26.71 3.11 -7.95
N PHE B 268 25.51 3.67 -7.80
CA PHE B 268 25.23 4.65 -6.75
C PHE B 268 24.03 4.18 -5.92
N TYR B 269 24.25 3.88 -4.61
CA TYR B 269 23.18 3.46 -3.69
C TYR B 269 22.89 4.66 -2.80
N VAL B 270 21.59 5.04 -2.70
CA VAL B 270 21.17 6.22 -1.94
C VAL B 270 20.13 5.87 -0.88
N GLU B 271 20.57 5.96 0.38
CA GLU B 271 19.75 5.77 1.55
C GLU B 271 19.32 7.16 2.03
N ALA B 272 18.07 7.54 1.75
CA ALA B 272 17.48 8.82 2.20
C ALA B 272 16.03 8.87 1.82
N CYS B 273 15.25 9.66 2.56
CA CYS B 273 13.87 9.94 2.22
C CYS B 273 13.88 10.63 0.86
N GLU B 274 12.83 10.43 0.04
CA GLU B 274 12.68 11.15 -1.23
C GLU B 274 13.89 11.00 -2.17
N SER B 275 14.73 9.98 -2.01
CA SER B 275 15.97 9.84 -2.78
C SER B 275 15.77 9.64 -4.29
N ALA B 276 14.60 9.17 -4.74
CA ALA B 276 14.34 9.06 -6.18
C ALA B 276 14.36 10.46 -6.81
N SER B 277 13.95 11.49 -6.05
CA SER B 277 13.93 12.88 -6.51
C SER B 277 15.33 13.45 -6.78
N ILE B 278 16.38 12.78 -6.36
CA ILE B 278 17.76 13.23 -6.64
C ILE B 278 18.13 12.83 -8.12
N PHE B 279 17.51 11.77 -8.65
CA PHE B 279 17.81 11.25 -9.99
C PHE B 279 16.69 11.39 -11.01
N GLU B 280 15.43 11.27 -10.58
CA GLU B 280 14.25 11.37 -11.44
C GLU B 280 14.25 12.63 -12.31
N GLY B 281 14.20 12.44 -13.63
CA GLY B 281 14.19 13.51 -14.61
C GLY B 281 15.48 14.30 -14.71
N LEU B 282 16.56 13.78 -14.14
CA LEU B 282 17.87 14.47 -14.15
C LEU B 282 18.95 13.60 -14.70
N LEU B 283 19.05 12.37 -14.24
CA LEU B 283 20.09 11.47 -14.66
C LEU B 283 19.84 10.87 -16.07
N PRO B 284 20.70 11.19 -17.07
CA PRO B 284 20.53 10.58 -18.40
C PRO B 284 20.90 9.10 -18.37
N ASP B 285 20.34 8.29 -19.27
CA ASP B 285 20.50 6.84 -19.24
C ASP B 285 21.76 6.25 -19.91
N GLY B 286 22.58 7.02 -20.62
CA GLY B 286 23.75 6.43 -21.27
C GLY B 286 25.13 6.64 -20.68
N LEU B 287 25.21 7.03 -19.39
CA LEU B 287 26.45 7.38 -18.68
C LEU B 287 27.20 6.21 -18.05
N ASN B 288 26.69 4.98 -18.21
CA ASN B 288 27.24 3.79 -17.56
C ASN B 288 27.10 3.91 -16.02
N ILE B 289 26.02 4.58 -15.59
CA ILE B 289 25.68 4.79 -14.19
C ILE B 289 24.38 4.10 -13.90
N TYR B 290 24.39 3.22 -12.91
CA TYR B 290 23.22 2.55 -12.41
C TYR B 290 22.98 3.06 -10.98
N VAL B 291 21.76 3.52 -10.69
CA VAL B 291 21.38 4.08 -9.40
C VAL B 291 20.29 3.27 -8.75
N SER B 292 20.40 3.04 -7.44
CA SER B 292 19.38 2.42 -6.62
C SER B 292 19.08 3.40 -5.45
N THR B 293 17.80 3.77 -5.24
CA THR B 293 17.39 4.68 -4.17
C THR B 293 16.44 3.97 -3.19
N ALA B 294 16.53 4.31 -1.91
CA ALA B 294 15.73 3.73 -0.82
C ALA B 294 14.25 4.05 -0.92
N ALA B 295 13.91 5.29 -1.27
CA ALA B 295 12.51 5.70 -1.31
C ALA B 295 12.20 6.54 -2.53
N LYS B 296 10.92 6.60 -2.91
CA LYS B 296 10.51 7.39 -4.05
C LYS B 296 10.09 8.78 -3.60
N ALA B 297 9.77 9.67 -4.55
CA ALA B 297 9.30 11.03 -4.27
C ALA B 297 8.04 10.94 -3.39
N GLY B 298 8.01 11.78 -2.35
CA GLY B 298 6.93 11.83 -1.39
C GLY B 298 7.01 10.78 -0.31
N GLU B 299 8.04 9.91 -0.33
CA GLU B 299 8.21 8.84 0.64
C GLU B 299 9.37 9.04 1.60
N GLY B 300 9.14 8.67 2.85
CA GLY B 300 10.18 8.68 3.87
C GLY B 300 10.87 7.32 3.91
N SER B 301 12.19 7.28 4.20
CA SER B 301 12.83 5.98 4.33
C SER B 301 12.76 5.55 5.81
N TRP B 302 12.92 4.25 6.07
CA TRP B 302 12.83 3.71 7.42
C TRP B 302 14.18 3.42 8.05
N VAL B 303 14.21 3.58 9.38
CA VAL B 303 15.36 3.25 10.21
C VAL B 303 15.16 1.79 10.57
N ALA B 304 16.21 1.10 11.02
CA ALA B 304 16.13 -0.29 11.46
C ALA B 304 16.93 -0.40 12.73
N TYR B 305 16.65 -1.43 13.53
CA TYR B 305 17.40 -1.78 14.73
C TYR B 305 17.40 -0.76 15.83
N CYS B 306 16.24 -0.53 16.35
CA CYS B 306 16.05 0.41 17.45
C CYS B 306 15.87 -0.36 18.73
N PRO B 307 16.23 0.22 19.89
CA PRO B 307 16.01 -0.52 21.15
C PRO B 307 14.56 -1.01 21.37
N SER B 308 13.56 -0.15 21.10
CA SER B 308 12.13 -0.43 21.36
C SER B 308 11.22 -0.63 20.13
N GLN B 309 11.68 -1.34 19.08
CA GLN B 309 10.79 -1.49 17.92
C GLN B 309 10.58 -2.95 17.46
N GLU B 310 11.56 -3.61 16.79
CA GLU B 310 11.37 -5.00 16.30
C GLU B 310 12.55 -5.89 16.77
N PRO B 311 13.59 -6.33 15.96
CA PRO B 311 14.69 -7.10 16.58
C PRO B 311 15.37 -6.30 17.71
N PRO B 312 15.58 -6.93 18.88
CA PRO B 312 16.10 -6.16 20.03
C PRO B 312 17.56 -5.69 19.96
N VAL B 313 17.73 -4.36 19.92
CA VAL B 313 19.04 -3.73 20.01
C VAL B 313 19.13 -3.34 21.50
N PRO B 314 20.27 -3.58 22.20
CA PRO B 314 20.33 -3.23 23.63
C PRO B 314 20.03 -1.75 23.90
N ALA B 315 19.12 -1.49 24.86
CA ALA B 315 18.65 -0.14 25.21
C ALA B 315 19.75 0.86 25.45
N GLU B 316 20.94 0.42 25.91
CA GLU B 316 22.03 1.33 26.26
C GLU B 316 22.54 2.13 25.04
N TYR B 317 22.35 1.60 23.82
CA TYR B 317 22.76 2.32 22.59
C TYR B 317 22.00 3.63 22.45
N GLY B 318 20.76 3.64 22.94
CA GLY B 318 19.92 4.84 23.05
C GLY B 318 19.60 5.54 21.76
N THR B 319 19.70 4.81 20.64
CA THR B 319 19.47 5.33 19.29
C THR B 319 19.31 4.13 18.38
N CYS B 320 18.76 4.33 17.17
CA CYS B 320 18.64 3.26 16.16
C CYS B 320 19.99 3.16 15.48
N VAL B 321 20.43 1.93 15.20
CA VAL B 321 21.80 1.71 14.73
C VAL B 321 21.90 1.38 13.21
N GLY B 322 20.78 1.39 12.50
CA GLY B 322 20.79 1.10 11.08
C GLY B 322 19.64 1.74 10.36
N ASP B 323 19.69 1.68 9.04
CA ASP B 323 18.64 2.19 8.16
C ASP B 323 18.17 0.99 7.36
N LEU B 324 16.85 0.86 7.22
CA LEU B 324 16.23 -0.33 6.63
C LEU B 324 16.78 -0.73 5.24
N TYR B 325 16.71 0.17 4.23
CA TYR B 325 17.25 -0.14 2.91
C TYR B 325 18.72 -0.58 2.99
N SER B 326 19.52 0.14 3.81
CA SER B 326 20.95 -0.08 3.98
C SER B 326 21.31 -1.42 4.55
N VAL B 327 20.73 -1.79 5.71
CA VAL B 327 21.04 -3.09 6.33
C VAL B 327 20.54 -4.22 5.42
N THR B 328 19.44 -4.00 4.67
CA THR B 328 18.92 -5.01 3.74
C THR B 328 19.95 -5.32 2.65
N TRP B 329 20.47 -4.31 1.95
CA TRP B 329 21.44 -4.62 0.90
C TRP B 329 22.75 -5.11 1.49
N MET B 330 23.15 -4.58 2.66
CA MET B 330 24.42 -4.95 3.29
C MET B 330 24.41 -6.35 3.88
N GLU B 331 23.33 -6.74 4.56
CA GLU B 331 23.23 -8.09 5.12
C GLU B 331 23.20 -9.14 4.03
N ASP B 332 22.63 -8.76 2.88
CA ASP B 332 22.57 -9.58 1.70
C ASP B 332 24.00 -9.72 1.13
N SER B 333 24.72 -8.59 0.95
CA SER B 333 26.09 -8.56 0.43
C SER B 333 27.09 -9.29 1.35
N ASP B 334 26.77 -9.39 2.63
CA ASP B 334 27.58 -10.05 3.65
C ASP B 334 27.59 -11.59 3.59
N VAL B 335 26.50 -12.20 3.11
CA VAL B 335 26.31 -13.65 3.20
C VAL B 335 26.42 -14.42 1.86
N TYR B 336 26.66 -13.75 0.73
CA TYR B 336 26.74 -14.49 -0.52
C TYR B 336 28.05 -14.35 -1.25
N ASN B 337 28.31 -15.32 -2.15
CA ASN B 337 29.39 -15.28 -3.13
C ASN B 337 28.85 -14.19 -4.07
N LEU B 338 29.46 -13.02 -4.07
CA LEU B 338 28.94 -11.87 -4.83
C LEU B 338 29.12 -11.99 -6.35
N ARG B 339 29.71 -13.10 -6.82
CA ARG B 339 29.85 -13.41 -8.26
C ARG B 339 28.51 -14.01 -8.72
N THR B 340 27.76 -14.62 -7.78
CA THR B 340 26.50 -15.31 -8.03
C THR B 340 25.24 -14.41 -7.89
N GLN B 341 25.40 -13.11 -7.54
CA GLN B 341 24.28 -12.17 -7.42
C GLN B 341 24.58 -10.90 -8.16
N THR B 342 23.73 -10.55 -9.12
CA THR B 342 23.89 -9.34 -9.91
C THR B 342 23.31 -8.13 -9.14
N LEU B 343 23.64 -6.93 -9.60
CA LEU B 343 23.11 -5.67 -9.08
C LEU B 343 21.60 -5.66 -9.21
N HIS B 344 21.08 -6.21 -10.36
CA HIS B 344 19.65 -6.31 -10.63
C HIS B 344 18.97 -7.19 -9.60
N GLN B 345 19.54 -8.40 -9.31
CA GLN B 345 19.03 -9.33 -8.32
C GLN B 345 19.04 -8.71 -6.91
N GLN B 346 20.06 -7.85 -6.58
CA GLN B 346 20.09 -7.18 -5.28
C GLN B 346 18.96 -6.15 -5.24
N TYR B 347 18.83 -5.34 -6.30
CA TYR B 347 17.76 -4.35 -6.45
C TYR B 347 16.41 -5.01 -6.17
N GLU B 348 16.09 -6.11 -6.88
CA GLU B 348 14.84 -6.83 -6.73
C GLU B 348 14.68 -7.38 -5.33
N LEU B 349 15.75 -7.98 -4.78
CA LEU B 349 15.76 -8.54 -3.43
C LEU B 349 15.41 -7.47 -2.39
N VAL B 350 16.14 -6.34 -2.40
CA VAL B 350 15.94 -5.23 -1.46
C VAL B 350 14.55 -4.61 -1.67
N LYS B 351 14.20 -4.29 -2.92
CA LYS B 351 12.90 -3.70 -3.26
C LYS B 351 11.74 -4.53 -2.69
N ASN B 352 11.74 -5.87 -2.94
CA ASN B 352 10.68 -6.77 -2.47
C ASN B 352 10.67 -6.90 -0.98
N LYS B 353 11.88 -7.01 -0.36
CA LYS B 353 11.99 -7.16 1.09
C LYS B 353 11.51 -5.94 1.87
N ILE B 354 11.71 -4.71 1.33
CA ILE B 354 11.34 -3.50 2.07
C ILE B 354 10.10 -2.79 1.48
N ALA B 355 9.40 -3.43 0.50
CA ALA B 355 8.21 -2.87 -0.17
C ALA B 355 7.13 -2.34 0.78
N TYR B 356 6.99 -2.96 1.99
CA TYR B 356 6.03 -2.57 3.03
C TYR B 356 6.38 -1.20 3.64
N ALA B 357 7.69 -0.80 3.58
CA ALA B 357 8.23 0.43 4.15
C ALA B 357 8.38 1.54 3.12
N SER B 358 9.16 1.30 2.08
CA SER B 358 9.42 2.30 1.03
C SER B 358 9.64 1.61 -0.28
N THR B 359 9.67 2.40 -1.34
CA THR B 359 9.76 1.89 -2.68
C THR B 359 11.12 2.11 -3.23
N VAL B 360 11.90 1.03 -3.36
CA VAL B 360 13.23 1.11 -3.95
C VAL B 360 13.06 1.42 -5.44
N SER B 361 13.78 2.43 -5.93
CA SER B 361 13.73 2.82 -7.33
C SER B 361 15.09 2.76 -7.97
N GLN B 362 15.13 2.53 -9.27
CA GLN B 362 16.38 2.45 -10.00
C GLN B 362 16.36 3.47 -11.11
N PHE B 363 17.55 4.00 -11.42
CA PHE B 363 17.71 5.03 -12.44
C PHE B 363 18.96 4.77 -13.26
N GLY B 364 19.06 5.48 -14.37
CA GLY B 364 20.21 5.43 -15.27
C GLY B 364 20.20 4.28 -16.24
N ASP B 365 21.39 3.69 -16.41
CA ASP B 365 21.75 2.61 -17.33
C ASP B 365 21.48 1.24 -16.72
N PHE B 366 20.31 0.64 -17.03
CA PHE B 366 19.87 -0.67 -16.52
C PHE B 366 20.77 -1.85 -17.00
N PRO B 367 21.38 -1.89 -18.22
CA PRO B 367 22.28 -3.01 -18.55
C PRO B 367 23.49 -3.14 -17.60
N ILE B 368 23.91 -2.05 -16.92
CA ILE B 368 24.98 -2.07 -15.90
C ILE B 368 24.60 -3.01 -14.77
N SER B 369 23.29 -3.05 -14.39
CA SER B 369 22.80 -3.89 -13.31
C SER B 369 22.88 -5.41 -13.62
N LYS B 370 23.26 -5.78 -14.87
CA LYS B 370 23.48 -7.17 -15.25
C LYS B 370 24.80 -7.67 -14.62
N ASP B 371 25.73 -6.72 -14.29
CA ASP B 371 27.01 -7.06 -13.64
C ASP B 371 26.74 -7.68 -12.28
N SER B 372 27.60 -8.61 -11.89
CA SER B 372 27.55 -9.25 -10.58
C SER B 372 27.97 -8.19 -9.54
N LEU B 373 27.57 -8.39 -8.29
CA LEU B 373 27.90 -7.50 -7.17
C LEU B 373 29.42 -7.49 -6.99
N PHE B 374 30.08 -8.63 -7.31
CA PHE B 374 31.53 -8.83 -7.28
C PHE B 374 32.27 -7.74 -8.05
N GLU B 375 31.76 -7.35 -9.22
CA GLU B 375 32.35 -6.30 -10.07
C GLU B 375 32.52 -4.96 -9.36
N TYR B 376 31.75 -4.73 -8.27
CA TYR B 376 31.77 -3.46 -7.53
C TYR B 376 32.17 -3.57 -6.07
N MET B 377 31.86 -4.70 -5.45
CA MET B 377 32.07 -4.92 -4.01
C MET B 377 33.04 -6.04 -3.71
N GLY B 378 33.55 -6.68 -4.76
CA GLY B 378 34.43 -7.84 -4.61
C GLY B 378 33.63 -8.98 -4.04
N THR B 379 34.29 -9.95 -3.41
CA THR B 379 33.63 -11.08 -2.77
C THR B 379 34.50 -11.64 -1.65
N ASP B 380 33.85 -12.05 -0.56
CA ASP B 380 34.54 -12.64 0.57
C ASP B 380 34.77 -14.14 0.28
N PRO B 381 36.06 -14.58 0.22
CA PRO B 381 36.35 -16.00 -0.03
C PRO B 381 35.62 -16.97 0.90
N ALA B 382 35.34 -16.56 2.16
CA ALA B 382 34.61 -17.35 3.14
C ALA B 382 33.16 -17.67 2.71
N ASN B 383 32.64 -16.93 1.71
CA ASN B 383 31.27 -17.09 1.20
C ASN B 383 31.20 -17.76 -0.17
N GLU B 384 32.35 -18.28 -0.68
CA GLU B 384 32.47 -18.91 -2.01
C GLU B 384 31.39 -19.97 -2.28
N LYS B 385 31.13 -20.87 -1.29
CA LYS B 385 30.10 -21.92 -1.43
C LYS B 385 28.66 -21.43 -1.23
N ARG B 386 28.49 -20.19 -0.74
CA ARG B 386 27.17 -19.59 -0.53
C ARG B 386 26.72 -18.94 -1.85
N GLN B 387 26.08 -19.73 -2.74
CA GLN B 387 25.62 -19.26 -4.06
C GLN B 387 24.19 -18.70 -3.97
N TYR B 388 23.89 -17.65 -4.75
CA TYR B 388 22.55 -17.05 -4.77
C TYR B 388 21.65 -17.79 -5.76
N GLU B 389 20.47 -18.24 -5.29
CA GLU B 389 19.51 -19.03 -6.08
C GLU B 389 18.48 -18.25 -6.92
N ASP B 390 17.73 -17.31 -6.30
CA ASP B 390 16.63 -16.59 -6.95
C ASP B 390 17.07 -15.48 -7.95
N GLU B 391 16.15 -14.54 -8.27
CA GLU B 391 16.39 -13.42 -9.22
C GLU B 391 15.64 -12.14 -8.79
N PRO B 397 10.14 -11.22 7.56
CA PRO B 397 10.59 -10.86 8.91
C PRO B 397 10.97 -9.37 9.02
N HIS B 398 9.94 -8.49 9.07
CA HIS B 398 10.07 -7.04 9.13
C HIS B 398 11.05 -6.57 10.21
N VAL B 399 12.08 -5.80 9.79
CA VAL B 399 13.10 -5.25 10.70
C VAL B 399 13.00 -3.69 10.73
N GLY B 400 12.12 -3.15 9.88
CA GLY B 400 11.84 -1.73 9.75
C GLY B 400 11.20 -1.21 11.02
N ALA B 401 11.74 -0.11 11.54
CA ALA B 401 11.28 0.46 12.81
C ALA B 401 10.30 1.61 12.67
N VAL B 402 10.81 2.79 12.29
CA VAL B 402 10.09 4.06 12.13
C VAL B 402 10.70 4.86 10.97
N HIS B 403 10.00 5.92 10.52
CA HIS B 403 10.48 6.82 9.48
C HIS B 403 11.65 7.65 10.03
N GLN B 404 12.64 7.94 9.17
CA GLN B 404 13.84 8.73 9.48
C GLN B 404 13.54 10.13 10.04
N ARG B 405 12.48 10.78 9.52
CA ARG B 405 12.08 12.14 9.90
C ARG B 405 11.42 12.19 11.29
N GLU B 406 11.03 11.03 11.85
CA GLU B 406 10.38 10.90 13.16
C GLU B 406 11.26 10.15 14.17
N ALA B 407 12.49 9.77 13.77
CA ALA B 407 13.43 9.01 14.60
C ALA B 407 13.86 9.82 15.83
N ASP B 408 14.06 11.16 15.65
CA ASP B 408 14.45 12.08 16.74
C ASP B 408 13.28 12.35 17.65
N LEU B 409 12.07 12.44 17.07
CA LEU B 409 10.83 12.69 17.79
C LEU B 409 10.52 11.49 18.67
N HIS B 410 10.80 10.27 18.18
CA HIS B 410 10.59 9.05 18.95
C HIS B 410 11.46 9.10 20.18
N HIS B 411 12.67 9.68 20.04
CA HIS B 411 13.61 9.86 21.12
C HIS B 411 13.11 10.83 22.18
N PHE B 412 12.58 12.01 21.80
CA PHE B 412 12.04 12.99 22.74
C PHE B 412 10.86 12.38 23.52
N TRP B 413 10.05 11.55 22.84
CA TRP B 413 8.93 10.83 23.41
C TRP B 413 9.43 9.84 24.45
N ASP B 414 10.43 9.00 24.08
CA ASP B 414 11.02 7.98 24.97
C ASP B 414 11.57 8.59 26.22
N LYS B 415 12.32 9.69 26.10
CA LYS B 415 12.88 10.45 27.22
C LYS B 415 11.76 10.85 28.19
N TYR B 416 10.69 11.48 27.64
CA TYR B 416 9.52 11.96 28.35
C TYR B 416 8.79 10.82 29.08
N GLN B 417 8.53 9.72 28.38
CA GLN B 417 7.85 8.52 28.88
C GLN B 417 8.57 7.79 29.98
N LYS B 418 9.91 7.68 29.86
CA LYS B 418 10.82 7.03 30.79
C LYS B 418 11.08 7.89 32.02
N ALA B 419 10.94 9.22 31.92
CA ALA B 419 11.15 10.09 33.07
C ALA B 419 10.09 9.82 34.17
N SER B 420 10.54 9.88 35.42
CA SER B 420 9.72 9.64 36.61
C SER B 420 8.63 10.64 36.77
N GLU B 421 7.45 10.16 37.14
CA GLU B 421 6.32 11.04 37.37
C GLU B 421 6.63 12.04 38.48
N GLY B 422 6.19 13.28 38.26
CA GLY B 422 6.40 14.37 39.21
C GLY B 422 7.78 14.97 39.28
N SER B 423 8.75 14.38 38.58
CA SER B 423 10.12 14.87 38.58
C SER B 423 10.35 16.08 37.66
N ARG B 424 11.48 16.78 37.86
CA ARG B 424 11.91 17.90 37.02
C ARG B 424 12.27 17.36 35.62
N ASN B 425 12.81 16.11 35.56
CA ASN B 425 13.15 15.40 34.31
C ASN B 425 11.93 15.23 33.39
N LYS B 426 10.77 14.84 33.96
CA LYS B 426 9.53 14.69 33.20
C LYS B 426 9.01 16.04 32.70
N VAL B 427 9.00 17.06 33.58
CA VAL B 427 8.60 18.43 33.26
C VAL B 427 9.46 19.00 32.10
N ASP B 428 10.80 18.80 32.16
CA ASP B 428 11.76 19.25 31.14
C ASP B 428 11.58 18.52 29.81
N ALA B 429 11.47 17.18 29.85
CA ALA B 429 11.29 16.35 28.66
C ALA B 429 9.94 16.67 28.00
N ARG B 430 8.89 16.94 28.82
CA ARG B 430 7.58 17.33 28.31
C ARG B 430 7.69 18.66 27.54
N LYS B 431 8.28 19.67 28.19
CA LYS B 431 8.50 21.01 27.63
C LYS B 431 9.27 20.95 26.31
N GLN B 432 10.39 20.21 26.29
CA GLN B 432 11.22 20.01 25.12
C GLN B 432 10.39 19.40 23.99
N LEU B 433 9.65 18.32 24.27
CA LEU B 433 8.82 17.61 23.29
C LEU B 433 7.73 18.51 22.68
N VAL B 434 7.05 19.31 23.54
CA VAL B 434 6.01 20.27 23.16
C VAL B 434 6.63 21.33 22.23
N GLU B 435 7.81 21.85 22.61
CA GLU B 435 8.55 22.85 21.83
C GLU B 435 8.97 22.33 20.44
N VAL B 436 9.43 21.07 20.35
CA VAL B 436 9.79 20.46 19.07
C VAL B 436 8.53 20.43 18.15
N MET B 437 7.40 19.96 18.70
CA MET B 437 6.14 19.87 17.98
C MET B 437 5.56 21.25 17.62
N LEU B 438 5.61 22.24 18.53
CA LEU B 438 5.14 23.60 18.25
C LEU B 438 5.97 24.25 17.14
N HIS B 439 7.27 23.93 17.08
CA HIS B 439 8.15 24.45 16.04
C HIS B 439 7.74 23.89 14.66
N ARG B 440 7.37 22.59 14.59
CA ARG B 440 6.88 21.96 13.36
C ARG B 440 5.58 22.65 12.92
N MET B 441 4.71 22.98 13.89
CA MET B 441 3.46 23.70 13.63
C MET B 441 3.75 25.11 13.13
N HIS B 442 4.77 25.79 13.70
CA HIS B 442 5.17 27.14 13.28
C HIS B 442 5.69 27.13 11.83
N VAL B 443 6.56 26.17 11.47
CA VAL B 443 7.09 26.03 10.12
C VAL B 443 5.93 25.74 9.13
N ASP B 444 5.02 24.81 9.48
CA ASP B 444 3.88 24.46 8.65
C ASP B 444 2.97 25.66 8.42
N ASP B 445 2.67 26.44 9.50
CA ASP B 445 1.83 27.65 9.42
C ASP B 445 2.47 28.73 8.58
N SER B 446 3.79 28.95 8.72
CA SER B 446 4.54 29.93 7.91
C SER B 446 4.43 29.62 6.40
N ILE B 447 4.64 28.36 6.00
CA ILE B 447 4.55 27.86 4.61
C ILE B 447 3.10 28.00 4.06
N GLU B 448 2.12 27.70 4.89
CA GLU B 448 0.72 27.79 4.53
C GLU B 448 0.33 29.25 4.36
N SER B 449 0.84 30.14 5.22
CA SER B 449 0.56 31.57 5.11
C SER B 449 1.20 32.15 3.85
N ILE B 450 2.44 31.72 3.52
CA ILE B 450 3.14 32.14 2.30
C ILE B 450 2.35 31.66 1.07
N ALA B 451 1.91 30.38 1.05
CA ALA B 451 1.08 29.80 -0.03
C ALA B 451 -0.19 30.61 -0.23
N LYS B 452 -0.90 30.97 0.86
CA LYS B 452 -2.12 31.78 0.81
C LYS B 452 -1.85 33.15 0.20
N LEU B 453 -0.74 33.80 0.59
CA LEU B 453 -0.37 35.10 0.08
C LEU B 453 -0.01 35.08 -1.40
N LEU B 454 0.76 34.08 -1.84
CA LEU B 454 1.20 33.98 -3.24
C LEU B 454 0.11 33.46 -4.19
N PHE B 455 -0.77 32.60 -3.69
CA PHE B 455 -1.73 31.93 -4.54
C PHE B 455 -3.20 32.25 -4.30
N GLY B 456 -3.54 32.87 -3.16
CA GLY B 456 -4.91 33.19 -2.78
C GLY B 456 -5.32 32.47 -1.51
N SER B 457 -6.31 33.04 -0.78
CA SER B 457 -6.82 32.54 0.51
C SER B 457 -7.35 31.07 0.50
N GLY B 458 -7.54 30.49 -0.70
CA GLY B 458 -7.95 29.10 -0.85
C GLY B 458 -6.79 28.13 -0.67
N ALA B 459 -5.71 28.62 0.00
CA ALA B 459 -4.46 27.99 0.42
C ALA B 459 -3.77 27.13 -0.64
N LYS B 460 -3.91 25.78 -0.51
CA LYS B 460 -3.34 24.69 -1.33
C LYS B 460 -1.94 24.24 -0.88
N ALA B 461 -1.36 24.87 0.16
CA ALA B 461 -0.02 24.54 0.69
C ALA B 461 0.24 23.04 0.80
N SER B 462 -0.77 22.29 1.28
CA SER B 462 -0.80 20.83 1.48
C SER B 462 -0.98 20.09 0.16
N GLU B 463 -1.82 20.63 -0.76
CA GLU B 463 -2.13 20.05 -2.08
C GLU B 463 -0.94 20.16 -3.03
N MET B 464 -0.23 21.31 -2.96
CA MET B 464 1.00 21.66 -3.68
C MET B 464 2.10 20.70 -3.21
N MET B 465 2.21 20.55 -1.89
CA MET B 465 3.14 19.67 -1.21
C MET B 465 2.79 18.21 -1.52
N ASN B 466 1.50 17.90 -1.68
CA ASN B 466 1.05 16.55 -2.02
C ASN B 466 1.00 16.43 -3.56
N THR B 467 1.45 17.50 -4.26
CA THR B 467 1.56 17.52 -5.71
C THR B 467 3.04 17.38 -6.03
N ILE B 468 3.30 16.20 -6.49
CA ILE B 468 4.54 15.62 -6.96
C ILE B 468 4.35 15.56 -8.49
N ARG B 469 5.38 15.95 -9.25
CA ARG B 469 5.39 15.95 -10.71
C ARG B 469 5.24 14.52 -11.26
N PRO B 470 4.69 14.35 -12.49
CA PRO B 470 4.58 12.99 -13.06
C PRO B 470 5.91 12.22 -13.07
N PRO B 471 5.89 10.85 -13.12
CA PRO B 471 7.17 10.11 -13.14
C PRO B 471 8.04 10.51 -14.33
N GLY B 472 9.35 10.54 -14.10
CA GLY B 472 10.34 10.89 -15.11
C GLY B 472 10.56 12.38 -15.27
N GLN B 473 9.85 13.21 -14.48
CA GLN B 473 9.98 14.67 -14.51
C GLN B 473 10.86 15.15 -13.34
N PRO B 474 11.76 16.14 -13.56
CA PRO B 474 12.62 16.61 -12.44
C PRO B 474 11.79 17.36 -11.40
N LEU B 475 12.28 17.45 -10.14
CA LEU B 475 11.55 18.17 -9.10
C LEU B 475 11.25 19.63 -9.50
N VAL B 476 12.26 20.30 -10.05
CA VAL B 476 12.19 21.70 -10.45
C VAL B 476 12.88 21.87 -11.80
N SER B 477 12.47 22.85 -12.60
CA SER B 477 13.11 23.07 -13.90
C SER B 477 14.36 23.92 -13.71
N ASP B 478 14.26 24.93 -12.84
CA ASP B 478 15.31 25.88 -12.52
C ASP B 478 15.83 25.64 -11.07
N TRP B 479 16.98 24.97 -10.98
CA TRP B 479 17.62 24.65 -9.70
C TRP B 479 18.19 25.85 -8.97
N ASP B 480 18.58 26.89 -9.73
CA ASP B 480 19.08 28.14 -9.14
C ASP B 480 17.96 28.86 -8.46
N CYS B 481 16.77 28.81 -9.06
CA CYS B 481 15.57 29.40 -8.47
C CYS B 481 15.25 28.64 -7.16
N LEU B 482 15.36 27.29 -7.14
CA LEU B 482 15.10 26.50 -5.93
C LEU B 482 16.03 26.92 -4.80
N LYS B 483 17.34 26.97 -5.07
CA LYS B 483 18.35 27.39 -4.09
C LYS B 483 18.02 28.78 -3.59
N THR B 484 17.64 29.68 -4.51
CA THR B 484 17.28 31.05 -4.19
C THR B 484 16.05 31.09 -3.29
N MET B 485 15.03 30.28 -3.57
CA MET B 485 13.79 30.23 -2.77
C MET B 485 14.02 29.76 -1.35
N VAL B 486 14.95 28.79 -1.17
CA VAL B 486 15.38 28.25 0.12
C VAL B 486 16.02 29.42 0.91
N ARG B 487 17.04 30.11 0.31
CA ARG B 487 17.72 31.26 0.93
C ARG B 487 16.77 32.39 1.26
N THR B 488 15.84 32.70 0.32
CA THR B 488 14.82 33.74 0.49
C THR B 488 13.92 33.44 1.69
N PHE B 489 13.44 32.18 1.83
CA PHE B 489 12.60 31.78 2.98
C PHE B 489 13.42 31.90 4.24
N GLU B 490 14.64 31.35 4.23
CA GLU B 490 15.54 31.32 5.37
C GLU B 490 15.98 32.70 5.86
N THR B 491 16.08 33.70 4.96
CA THR B 491 16.49 35.06 5.32
C THR B 491 15.41 35.79 6.12
N HIS B 492 14.16 35.74 5.65
CA HIS B 492 13.02 36.39 6.29
C HIS B 492 12.45 35.56 7.45
N CYS B 493 12.42 34.24 7.30
CA CYS B 493 11.93 33.33 8.32
C CYS B 493 13.12 32.60 8.94
N GLY B 494 12.90 31.56 9.72
CA GLY B 494 14.05 30.87 10.29
C GLY B 494 14.73 29.94 9.30
N SER B 495 15.85 29.34 9.72
CA SER B 495 16.55 28.33 8.94
C SER B 495 15.58 27.15 8.86
N LEU B 496 15.44 26.55 7.67
CA LEU B 496 14.53 25.42 7.48
C LEU B 496 15.02 24.18 8.24
N SER B 497 16.35 23.90 8.16
CA SER B 497 17.02 22.75 8.78
C SER B 497 16.24 21.43 8.58
N GLU B 498 16.57 20.37 9.37
CA GLU B 498 16.01 19.03 9.20
C GLU B 498 14.48 18.96 8.94
N TYR B 499 13.62 19.49 9.84
CA TYR B 499 12.16 19.41 9.66
C TYR B 499 11.65 20.10 8.35
N GLY B 500 11.88 21.40 8.25
CA GLY B 500 11.34 22.19 7.15
C GLY B 500 11.92 21.96 5.79
N MET B 501 13.09 21.25 5.63
CA MET B 501 13.73 21.02 4.32
C MET B 501 12.86 20.16 3.41
N LYS B 502 11.86 19.49 3.98
CA LYS B 502 10.88 18.75 3.18
C LYS B 502 10.13 19.73 2.25
N TYR B 503 10.07 21.03 2.62
CA TYR B 503 9.40 22.10 1.89
C TYR B 503 10.13 22.53 0.63
N THR B 504 11.23 21.84 0.26
CA THR B 504 11.86 22.11 -1.02
C THR B 504 10.87 21.76 -2.15
N ARG B 505 9.87 20.85 -1.89
CA ARG B 505 8.83 20.49 -2.86
C ARG B 505 7.95 21.73 -3.14
N PHE B 506 7.43 22.38 -2.08
CA PHE B 506 6.61 23.59 -2.17
C PHE B 506 7.38 24.72 -2.86
N LEU B 507 8.65 24.88 -2.52
CA LEU B 507 9.53 25.88 -3.10
C LEU B 507 9.82 25.61 -4.57
N ALA B 508 9.96 24.32 -4.96
CA ALA B 508 10.17 23.89 -6.34
C ALA B 508 8.90 24.20 -7.15
N ASN B 509 7.71 24.00 -6.54
CA ASN B 509 6.42 24.30 -7.19
C ASN B 509 6.26 25.79 -7.45
N ILE B 510 6.71 26.65 -6.52
CA ILE B 510 6.74 28.13 -6.65
C ILE B 510 7.59 28.49 -7.91
N CYS B 511 8.78 27.88 -8.03
CA CYS B 511 9.70 28.08 -9.14
C CYS B 511 9.10 27.70 -10.47
N ASN B 512 8.54 26.48 -10.54
CA ASN B 512 7.89 25.91 -11.69
C ASN B 512 6.66 26.70 -12.12
N SER B 513 6.02 27.38 -11.15
CA SER B 513 4.86 28.23 -11.35
C SER B 513 5.23 29.60 -11.87
N GLY B 514 6.52 29.93 -11.81
CA GLY B 514 7.01 31.20 -12.32
C GLY B 514 7.07 32.32 -11.33
N ILE B 515 6.87 32.05 -10.02
CA ILE B 515 6.99 33.10 -9.00
C ILE B 515 8.48 33.50 -8.89
N GLN B 516 8.73 34.80 -8.79
CA GLN B 516 10.08 35.36 -8.71
C GLN B 516 10.50 35.50 -7.27
N LYS B 517 11.83 35.56 -7.02
CA LYS B 517 12.40 35.68 -5.68
C LYS B 517 11.91 36.90 -4.93
N GLU B 518 11.62 38.00 -5.65
CA GLU B 518 11.15 39.25 -5.04
C GLU B 518 9.77 39.05 -4.46
N LYS B 519 8.92 38.31 -5.16
CA LYS B 519 7.56 38.02 -4.68
C LYS B 519 7.63 37.06 -3.47
N MET B 520 8.57 36.09 -3.48
CA MET B 520 8.78 35.16 -2.37
C MET B 520 9.30 35.94 -1.16
N GLY B 521 10.24 36.86 -1.41
CA GLY B 521 10.79 37.75 -0.41
C GLY B 521 9.72 38.64 0.23
N GLU B 522 8.77 39.12 -0.59
CA GLU B 522 7.65 39.95 -0.16
C GLU B 522 6.71 39.20 0.74
N ALA B 523 6.23 38.01 0.28
CA ALA B 523 5.32 37.14 1.03
C ALA B 523 5.99 36.60 2.30
N SER B 524 7.31 36.29 2.25
CA SER B 524 8.06 35.79 3.40
C SER B 524 8.26 36.83 4.49
N ALA B 525 8.57 38.10 4.10
CA ALA B 525 8.79 39.20 5.04
C ALA B 525 7.49 39.51 5.77
N GLN B 526 6.37 39.51 5.03
CA GLN B 526 5.02 39.76 5.52
C GLN B 526 4.55 38.71 6.57
N VAL B 527 4.80 37.38 6.34
CA VAL B 527 4.34 36.36 7.29
C VAL B 527 5.30 36.18 8.48
N CYS B 528 6.61 36.43 8.28
CA CYS B 528 7.63 36.22 9.29
C CYS B 528 8.14 37.53 9.95
N LEU B 529 7.47 38.66 9.70
CA LEU B 529 7.77 40.01 10.23
C LEU B 529 9.20 40.48 9.96
#